data_5FDQ
#
_entry.id   5FDQ
#
_cell.length_a   120.163
_cell.length_b   132.500
_cell.length_c   180.488
_cell.angle_alpha   90.00
_cell.angle_beta   90.00
_cell.angle_gamma   90.00
#
_symmetry.space_group_name_H-M   'I 2 2 2'
#
loop_
_entity.id
_entity.type
_entity.pdbx_description
1 polymer 'Prostaglandin G/H synthase 2'
2 branched 2-acetamido-2-deoxy-beta-D-glucopyranose-(1-4)-2-acetamido-2-deoxy-beta-D-glucopyranose
3 branched alpha-D-mannopyranose-(1-4)-2-acetamido-2-deoxy-beta-D-glucopyranose-(1-4)-2-acetamido-2-deoxy-beta-D-glucopyranose
4 non-polymer 'PROTOPORPHYRIN IX CONTAINING CO'
5 non-polymer 'ACRYLIC ACID'
6 non-polymer 2-[(2~{R})-2-(hydroxymethyloxy)propoxy]ethanol
7 non-polymer 'octyl beta-D-glucopyranoside'
8 non-polymer 2-acetamido-2-deoxy-beta-D-glucopyranose
9 water water
#
_entity_poly.entity_id   1
_entity_poly.type   'polypeptide(L)'
_entity_poly.pdbx_seq_one_letter_code
;HHHHHHPCCSNPCQNRGECMSTGFDQYKCDCTRTGFYGENCTTPEFLTRIKLLLKPTPNTVHYILTHFKGVWNIVNNIPF
LRSLIMKYVLTSRSYLIDSPPTYNVHYGYKSWEAFSNLSYYTRALPPVADDCPTPMGVKGNKELPDSKEVLEKVLLRREF
IPDPQGSNMMFAFFAQHFTHQFFKTDHKRGPGFTRGLGHGVDLNHIYGETLDRQHKLRLFKDGKLKYQVIGGEVYPPTVK
DTQVEMIYPPHIPENLQFAVGQEVFGLVPGLMMYATIWLREHNRVCDILKQEHPEWGDEQLFQTSRLILIGETIKIVIED
YVQHLSGYHFKLKFDPELLFNQQFQYQNRIASEFNTLYHWHPLLPDTFNIEDQEYSFKQFLYNNSILLEHGLTQFVESFT
RQIAGRVAGGRNVPIAVQAVAKASIDQSREMKYQSLNEYRKRFSLKPYTSFEELTGEKEMAAELKALYSDIDVMELYPAL
LVEKPRPDAIFGETMVELGAPFTLKGLMGNPICSPQYWKPSTFGGEVGFKIINTASIQSLICNNVKGCPFTSFNVQDPQP
TKTATIAASASHSRLDDINPTVLIKRRSTEL
;
_entity_poly.pdbx_strand_id   A,B
#
loop_
_chem_comp.id
_chem_comp.type
_chem_comp.name
_chem_comp.formula
60A non-polymer 2-[(2~{R})-2-(hydroxymethyloxy)propoxy]ethanol 'C6 H14 O4'
AKR non-polymer 'ACRYLIC ACID' 'C3 H4 O2'
BOG D-saccharide 'octyl beta-D-glucopyranoside' 'C14 H28 O6'
COH non-polymer 'PROTOPORPHYRIN IX CONTAINING CO' 'C34 H32 Co N4 O4'
MAN D-saccharide, alpha linking alpha-D-mannopyranose 'C6 H12 O6'
NAG D-saccharide, beta linking 2-acetamido-2-deoxy-beta-D-glucopyranose 'C8 H15 N O6'
#
# COMPACT_ATOMS: atom_id res chain seq x y z
N HIS A 5 14.91 -16.01 29.55
CA HIS A 5 14.10 -15.95 28.34
C HIS A 5 13.26 -14.68 28.24
N HIS A 6 12.74 -14.40 27.05
CA HIS A 6 11.96 -13.18 26.81
C HIS A 6 10.82 -13.10 27.82
N PRO A 7 10.66 -11.95 28.50
CA PRO A 7 9.60 -11.83 29.52
C PRO A 7 8.18 -11.85 28.95
N CYS A 8 8.02 -11.72 27.64
CA CYS A 8 6.69 -11.79 27.03
C CYS A 8 6.35 -13.21 26.57
N CYS A 9 7.22 -14.18 26.87
CA CYS A 9 6.98 -15.57 26.43
C CYS A 9 5.62 -16.10 26.85
N SER A 10 5.12 -15.68 28.01
CA SER A 10 3.87 -16.24 28.50
C SER A 10 2.65 -15.65 27.80
N ASN A 11 2.88 -14.71 26.89
CA ASN A 11 1.79 -13.90 26.28
C ASN A 11 0.90 -13.24 27.35
N PRO A 12 1.50 -12.44 28.26
CA PRO A 12 0.71 -11.94 29.40
C PRO A 12 -0.35 -10.89 29.04
N CYS A 13 -0.14 -10.11 27.97
CA CYS A 13 -1.07 -9.00 27.65
C CYS A 13 -2.31 -9.48 26.94
N GLN A 14 -3.47 -9.11 27.48
CA GLN A 14 -4.74 -9.54 26.95
C GLN A 14 -5.41 -8.44 26.13
N ASN A 15 -6.42 -8.83 25.38
CA ASN A 15 -7.37 -7.89 24.76
C ASN A 15 -6.70 -6.99 23.72
N ARG A 16 -5.71 -7.57 23.04
CA ARG A 16 -4.89 -6.91 22.03
C ARG A 16 -3.90 -5.91 22.62
N GLY A 17 -3.68 -5.93 23.95
CA GLY A 17 -2.61 -5.16 24.54
C GLY A 17 -1.27 -5.62 23.96
N GLU A 18 -0.30 -4.71 23.81
CA GLU A 18 0.99 -5.10 23.23
C GLU A 18 2.08 -5.27 24.28
N CYS A 19 2.81 -6.37 24.20
CA CYS A 19 3.76 -6.69 25.26
C CYS A 19 5.15 -6.21 24.88
N MET A 20 5.85 -5.58 25.81
CA MET A 20 7.20 -5.11 25.54
C MET A 20 8.09 -5.49 26.72
N SER A 21 9.31 -5.98 26.47
CA SER A 21 10.20 -6.21 27.61
C SER A 21 10.66 -4.87 28.19
N THR A 22 10.91 -4.81 29.49
CA THR A 22 11.43 -3.58 30.08
C THR A 22 12.67 -3.87 30.89
N GLY A 23 13.17 -5.09 30.76
CA GLY A 23 14.40 -5.48 31.43
C GLY A 23 14.47 -6.95 31.09
N PHE A 24 15.46 -7.63 31.66
CA PHE A 24 15.62 -9.05 31.37
C PHE A 24 14.44 -9.90 31.86
N ASP A 25 13.82 -9.47 32.96
CA ASP A 25 12.82 -10.28 33.66
C ASP A 25 11.47 -9.57 33.83
N GLN A 26 11.25 -8.48 33.11
CA GLN A 26 10.06 -7.65 33.31
C GLN A 26 9.43 -7.28 31.99
N TYR A 27 8.11 -7.12 31.97
CA TYR A 27 7.44 -6.66 30.76
C TYR A 27 6.48 -5.53 31.12
N LYS A 28 5.99 -4.87 30.09
CA LYS A 28 5.00 -3.82 30.21
C LYS A 28 3.96 -4.08 29.13
N CYS A 29 2.68 -3.99 29.47
CA CYS A 29 1.62 -4.10 28.47
C CYS A 29 1.18 -2.71 28.04
N ASP A 30 1.10 -2.50 26.74
CA ASP A 30 0.63 -1.22 26.22
C ASP A 30 -0.84 -1.40 25.85
N CYS A 31 -1.72 -0.80 26.65
CA CYS A 31 -3.16 -1.04 26.56
C CYS A 31 -3.87 0.00 25.68
N THR A 32 -3.09 0.80 24.97
CA THR A 32 -3.64 1.88 24.18
C THR A 32 -4.79 1.46 23.27
N ARG A 33 -5.95 2.10 23.45
CA ARG A 33 -7.13 1.91 22.59
C ARG A 33 -7.68 0.47 22.62
N THR A 34 -7.32 -0.31 23.62
CA THR A 34 -7.88 -1.66 23.74
C THR A 34 -9.22 -1.68 24.41
N GLY A 35 -9.51 -0.61 25.15
CA GLY A 35 -10.73 -0.54 25.93
C GLY A 35 -10.55 -1.13 27.31
N PHE A 36 -9.31 -1.53 27.62
CA PHE A 36 -8.96 -2.14 28.91
C PHE A 36 -7.75 -1.43 29.51
N TYR A 37 -7.51 -1.64 30.81
CA TYR A 37 -6.29 -1.12 31.41
C TYR A 37 -5.79 -2.07 32.49
N GLY A 38 -4.79 -1.63 33.27
CA GLY A 38 -4.22 -2.47 34.31
C GLY A 38 -3.04 -3.23 33.73
N GLU A 39 -2.35 -3.99 34.57
CA GLU A 39 -1.04 -4.54 34.22
C GLU A 39 -1.06 -5.36 32.94
N ASN A 40 -2.11 -6.16 32.76
CA ASN A 40 -2.20 -7.04 31.62
C ASN A 40 -3.34 -6.67 30.67
N CYS A 41 -3.86 -5.45 30.77
CA CYS A 41 -4.99 -5.02 29.93
C CYS A 41 -6.22 -5.91 30.14
N THR A 42 -6.51 -6.24 31.40
CA THR A 42 -7.67 -7.06 31.71
C THR A 42 -8.76 -6.34 32.50
N THR A 43 -8.50 -5.14 33.00
CA THR A 43 -9.59 -4.40 33.64
C THR A 43 -10.35 -3.60 32.59
N PRO A 44 -11.65 -3.88 32.41
CA PRO A 44 -12.42 -3.18 31.37
C PRO A 44 -12.81 -1.77 31.77
N GLU A 45 -12.70 -0.82 30.84
CA GLU A 45 -13.31 0.49 31.04
C GLU A 45 -14.82 0.32 31.14
N PHE A 46 -15.52 1.34 31.61
CA PHE A 46 -16.96 1.20 31.85
C PHE A 46 -17.74 0.85 30.57
N LEU A 47 -17.45 1.55 29.48
CA LEU A 47 -18.17 1.32 28.23
C LEU A 47 -17.85 -0.06 27.69
N THR A 48 -16.62 -0.49 27.89
CA THR A 48 -16.20 -1.84 27.53
C THR A 48 -17.01 -2.88 28.28
N ARG A 49 -17.22 -2.66 29.58
CA ARG A 49 -18.11 -3.53 30.38
C ARG A 49 -19.47 -3.68 29.75
N ILE A 50 -20.09 -2.54 29.42
CA ILE A 50 -21.43 -2.53 28.84
C ILE A 50 -21.43 -3.29 27.52
N LYS A 51 -20.52 -2.91 26.64
CA LYS A 51 -20.35 -3.55 25.34
C LYS A 51 -20.26 -5.07 25.47
N LEU A 52 -19.37 -5.56 26.33
CA LEU A 52 -19.25 -7.01 26.52
C LEU A 52 -20.56 -7.67 26.98
N LEU A 53 -21.34 -6.98 27.80
CA LEU A 53 -22.58 -7.54 28.32
C LEU A 53 -23.60 -7.73 27.20
N LEU A 54 -23.54 -6.85 26.21
CA LEU A 54 -24.55 -6.84 25.17
C LEU A 54 -24.18 -7.72 23.98
N LYS A 55 -22.89 -7.95 23.79
CA LYS A 55 -22.39 -8.64 22.61
C LYS A 55 -22.85 -10.10 22.56
N PRO A 56 -23.58 -10.47 21.50
CA PRO A 56 -23.89 -11.89 21.32
C PRO A 56 -22.65 -12.66 20.84
N THR A 57 -22.53 -13.92 21.23
CA THR A 57 -21.39 -14.73 20.79
C THR A 57 -21.43 -14.99 19.30
N PRO A 58 -20.29 -15.41 18.73
CA PRO A 58 -20.34 -15.76 17.31
C PRO A 58 -21.33 -16.90 17.01
N ASN A 59 -21.48 -17.87 17.91
CA ASN A 59 -22.38 -19.00 17.63
C ASN A 59 -23.84 -18.52 17.64
N THR A 60 -24.14 -17.52 18.46
CA THR A 60 -25.48 -16.94 18.52
C THR A 60 -25.85 -16.24 17.20
N VAL A 61 -24.95 -15.38 16.74
CA VAL A 61 -25.16 -14.69 15.49
C VAL A 61 -25.27 -15.69 14.33
N HIS A 62 -24.48 -16.76 14.40
CA HIS A 62 -24.53 -17.81 13.38
C HIS A 62 -25.89 -18.50 13.36
N TYR A 63 -26.41 -18.80 14.55
CA TYR A 63 -27.75 -19.35 14.66
C TYR A 63 -28.79 -18.47 13.95
N ILE A 64 -28.77 -17.18 14.29
CA ILE A 64 -29.68 -16.18 13.74
C ILE A 64 -29.60 -16.07 12.23
N LEU A 65 -28.37 -16.02 11.69
CA LEU A 65 -28.17 -15.89 10.26
C LEU A 65 -28.52 -17.18 9.54
N THR A 66 -28.59 -18.29 10.27
CA THR A 66 -28.94 -19.56 9.61
C THR A 66 -30.33 -20.07 9.96
N HIS A 67 -31.15 -19.26 10.63
CA HIS A 67 -32.53 -19.62 10.91
C HIS A 67 -33.43 -18.47 10.47
N PHE A 68 -34.72 -18.55 10.77
CA PHE A 68 -35.69 -17.50 10.46
C PHE A 68 -35.69 -17.15 8.97
N LYS A 69 -35.83 -18.20 8.15
CA LYS A 69 -35.70 -18.09 6.70
C LYS A 69 -36.75 -17.13 6.16
N GLY A 70 -37.95 -17.20 6.72
CA GLY A 70 -39.03 -16.32 6.31
C GLY A 70 -38.63 -14.87 6.47
N VAL A 71 -38.01 -14.54 7.60
CA VAL A 71 -37.64 -13.16 7.87
C VAL A 71 -36.54 -12.69 6.92
N TRP A 72 -35.50 -13.51 6.74
CA TRP A 72 -34.41 -13.13 5.83
C TRP A 72 -34.94 -12.96 4.41
N ASN A 73 -35.96 -13.73 4.03
CA ASN A 73 -36.54 -13.54 2.69
C ASN A 73 -37.10 -12.12 2.49
N ILE A 74 -37.72 -11.56 3.52
CA ILE A 74 -38.15 -10.16 3.49
C ILE A 74 -36.94 -9.20 3.48
N VAL A 75 -36.01 -9.39 4.42
CA VAL A 75 -34.81 -8.56 4.49
C VAL A 75 -34.08 -8.52 3.15
N ASN A 76 -33.92 -9.69 2.52
CA ASN A 76 -33.23 -9.79 1.27
C ASN A 76 -33.83 -8.93 0.17
N ASN A 77 -35.14 -8.69 0.24
CA ASN A 77 -35.84 -7.96 -0.80
C ASN A 77 -36.15 -6.51 -0.43
N ILE A 78 -35.58 -6.05 0.68
CA ILE A 78 -35.65 -4.63 1.01
C ILE A 78 -34.24 -4.05 0.93
N PRO A 79 -33.89 -3.49 -0.25
CA PRO A 79 -32.52 -3.07 -0.57
C PRO A 79 -31.88 -2.28 0.57
N PHE A 80 -32.64 -1.34 1.13
CA PHE A 80 -32.16 -0.55 2.25
C PHE A 80 -31.67 -1.42 3.39
N LEU A 81 -32.46 -2.45 3.74
CA LEU A 81 -32.11 -3.34 4.85
C LEU A 81 -30.96 -4.26 4.49
N ARG A 82 -31.04 -4.84 3.30
CA ARG A 82 -29.97 -5.72 2.83
C ARG A 82 -28.64 -4.95 2.87
N SER A 83 -28.66 -3.73 2.34
CA SER A 83 -27.46 -2.86 2.35
C SER A 83 -27.01 -2.58 3.77
N LEU A 84 -27.98 -2.31 4.65
CA LEU A 84 -27.69 -2.01 6.03
C LEU A 84 -26.95 -3.17 6.72
N ILE A 85 -27.48 -4.37 6.54
CA ILE A 85 -26.89 -5.54 7.17
C ILE A 85 -25.55 -5.87 6.55
N MET A 86 -25.49 -5.86 5.22
CA MET A 86 -24.19 -6.11 4.57
C MET A 86 -23.14 -5.07 5.00
N LYS A 87 -23.55 -3.82 5.16
CA LYS A 87 -22.61 -2.80 5.63
C LYS A 87 -22.01 -3.20 6.98
N TYR A 88 -22.88 -3.71 7.85
CA TYR A 88 -22.46 -4.17 9.17
C TYR A 88 -21.50 -5.36 9.09
N VAL A 89 -21.82 -6.33 8.23
CA VAL A 89 -20.95 -7.48 7.97
C VAL A 89 -19.52 -7.03 7.61
N LEU A 90 -19.42 -6.08 6.69
CA LEU A 90 -18.12 -5.64 6.21
C LEU A 90 -17.33 -4.97 7.32
N THR A 91 -17.97 -4.01 7.98
CA THR A 91 -17.26 -3.14 8.90
C THR A 91 -16.81 -3.89 10.16
N SER A 92 -17.68 -4.70 10.74
CA SER A 92 -17.31 -5.46 11.94
C SER A 92 -16.19 -6.51 11.71
N ARG A 93 -16.21 -7.19 10.57
CA ARG A 93 -15.15 -8.16 10.28
C ARG A 93 -13.79 -7.47 10.11
N SER A 94 -13.79 -6.31 9.47
CA SER A 94 -12.52 -5.64 9.09
C SER A 94 -11.69 -5.16 10.28
N TYR A 95 -12.34 -4.65 11.32
CA TYR A 95 -11.67 -4.14 12.53
C TYR A 95 -10.66 -5.10 13.19
N LEU A 96 -10.79 -6.38 12.87
CA LEU A 96 -9.95 -7.44 13.49
C LEU A 96 -8.57 -7.55 12.83
N ILE A 97 -8.43 -6.95 11.65
CA ILE A 97 -7.20 -7.06 10.89
C ILE A 97 -6.38 -5.77 11.02
N ASP A 98 -5.11 -5.91 11.38
CA ASP A 98 -4.20 -4.75 11.39
C ASP A 98 -3.95 -4.29 9.98
N SER A 99 -4.21 -3.01 9.71
CA SER A 99 -4.00 -2.51 8.35
C SER A 99 -3.74 -1.03 8.45
N PRO A 100 -2.53 -0.56 8.11
CA PRO A 100 -1.30 -1.23 7.65
C PRO A 100 -0.87 -2.37 8.58
N PRO A 101 -0.25 -3.40 7.98
CA PRO A 101 0.10 -4.63 8.70
C PRO A 101 1.26 -4.40 9.63
N THR A 102 1.43 -5.36 10.52
CA THR A 102 2.41 -5.24 11.61
C THR A 102 3.48 -6.35 11.55
N TYR A 103 3.27 -7.42 12.30
CA TYR A 103 4.32 -8.44 12.50
C TYR A 103 4.55 -9.36 11.31
N ASN A 104 5.67 -10.12 11.34
CA ASN A 104 5.87 -11.24 10.43
C ASN A 104 6.77 -12.27 11.09
N VAL A 105 7.21 -13.28 10.35
CA VAL A 105 7.87 -14.40 11.01
C VAL A 105 9.19 -13.96 11.68
N HIS A 106 9.78 -12.87 11.17
CA HIS A 106 11.05 -12.41 11.77
C HIS A 106 10.91 -11.25 12.77
N TYR A 107 9.73 -10.68 12.87
CA TYR A 107 9.54 -9.49 13.70
C TYR A 107 8.32 -9.64 14.58
N GLY A 108 8.59 -9.87 15.86
CA GLY A 108 7.57 -9.88 16.89
C GLY A 108 7.31 -8.51 17.49
N TYR A 109 7.94 -7.48 16.91
CA TYR A 109 7.68 -6.09 17.26
C TYR A 109 7.54 -5.33 15.94
N LYS A 110 6.87 -4.16 15.94
CA LYS A 110 6.71 -3.43 14.68
C LYS A 110 8.06 -2.90 14.21
N SER A 111 8.28 -2.93 12.91
CA SER A 111 9.54 -2.44 12.35
C SER A 111 9.33 -1.98 10.92
N TRP A 112 10.17 -1.06 10.44
CA TRP A 112 10.04 -0.62 9.05
C TRP A 112 10.30 -1.80 8.12
N GLU A 113 11.15 -2.71 8.55
CA GLU A 113 11.43 -3.90 7.71
C GLU A 113 10.16 -4.72 7.56
N ALA A 114 9.47 -4.98 8.67
CA ALA A 114 8.28 -5.84 8.59
C ALA A 114 7.18 -5.11 7.79
N PHE A 115 7.07 -3.79 7.99
CA PHE A 115 6.08 -3.05 7.19
C PHE A 115 6.41 -3.07 5.69
N SER A 116 7.68 -2.82 5.34
CA SER A 116 7.97 -2.48 3.95
C SER A 116 8.28 -3.69 3.09
N ASN A 117 8.74 -4.77 3.70
CA ASN A 117 9.22 -5.88 2.88
C ASN A 117 8.05 -6.79 2.46
N LEU A 118 7.64 -6.72 1.20
CA LEU A 118 6.45 -7.42 0.74
C LEU A 118 6.68 -8.90 0.49
N SER A 119 7.94 -9.34 0.58
CA SER A 119 8.24 -10.75 0.38
C SER A 119 7.75 -11.58 1.55
N TYR A 120 7.45 -10.94 2.68
CA TYR A 120 6.93 -11.69 3.84
C TYR A 120 5.42 -11.81 3.82
N TYR A 121 4.91 -12.98 4.22
CA TYR A 121 3.54 -12.97 4.72
C TYR A 121 3.53 -12.15 6.01
N THR A 122 2.46 -11.41 6.27
CA THR A 122 2.36 -10.72 7.54
C THR A 122 1.80 -11.70 8.58
N ARG A 123 1.75 -11.30 9.85
CA ARG A 123 1.32 -12.18 10.94
C ARG A 123 0.26 -11.49 11.80
N ALA A 124 -0.88 -12.19 12.00
CA ALA A 124 -1.95 -11.69 12.87
C ALA A 124 -1.53 -11.75 14.33
N LEU A 125 -0.68 -12.72 14.66
CA LEU A 125 -0.03 -12.74 16.00
C LEU A 125 1.47 -12.85 15.81
N PRO A 126 2.25 -12.15 16.63
CA PRO A 126 3.71 -12.27 16.55
C PRO A 126 4.19 -13.70 16.87
N PRO A 127 5.35 -14.08 16.33
CA PRO A 127 5.90 -15.40 16.67
C PRO A 127 6.25 -15.50 18.13
N VAL A 128 6.21 -16.73 18.64
CA VAL A 128 6.76 -17.02 19.96
C VAL A 128 8.29 -16.74 19.88
N ALA A 129 8.84 -16.05 20.87
CA ALA A 129 10.24 -15.65 20.81
C ALA A 129 11.14 -16.88 20.79
N ASP A 130 12.31 -16.75 20.16
CA ASP A 130 13.21 -17.89 19.96
C ASP A 130 13.66 -18.54 21.23
N ASP A 131 13.79 -17.77 22.30
CA ASP A 131 14.35 -18.35 23.51
C ASP A 131 13.30 -18.81 24.56
N CYS A 132 12.02 -18.83 24.19
CA CYS A 132 11.00 -19.28 25.14
C CYS A 132 11.22 -20.74 25.55
N PRO A 133 10.92 -21.06 26.81
CA PRO A 133 11.21 -22.40 27.30
C PRO A 133 10.37 -23.49 26.65
N THR A 134 9.20 -23.15 26.12
CA THR A 134 8.39 -24.16 25.41
C THR A 134 7.96 -23.64 24.05
N PRO A 135 7.56 -24.56 23.15
CA PRO A 135 7.17 -24.11 21.81
C PRO A 135 6.07 -23.07 21.85
N MET A 136 5.14 -23.16 22.79
CA MET A 136 4.02 -22.22 22.80
C MET A 136 4.28 -21.05 23.73
N GLY A 137 5.47 -21.01 24.31
CA GLY A 137 5.89 -19.89 25.15
C GLY A 137 6.37 -20.40 26.49
N VAL A 138 5.46 -20.59 27.46
CA VAL A 138 5.86 -21.23 28.75
C VAL A 138 5.04 -22.47 29.07
N LYS A 139 3.88 -22.62 28.46
CA LYS A 139 3.00 -23.75 28.79
C LYS A 139 3.36 -25.02 28.02
N GLY A 140 2.98 -26.17 28.55
CA GLY A 140 3.13 -27.41 27.81
C GLY A 140 4.47 -28.11 28.03
N ASN A 141 4.69 -29.23 27.32
CA ASN A 141 5.96 -29.92 27.37
C ASN A 141 7.05 -29.22 26.54
N LYS A 142 8.30 -29.65 26.73
CA LYS A 142 9.45 -29.05 26.03
C LYS A 142 9.35 -29.21 24.53
N GLU A 143 8.70 -30.28 24.08
CA GLU A 143 8.48 -30.46 22.65
C GLU A 143 6.99 -30.69 22.44
N LEU A 144 6.48 -30.24 21.30
CA LEU A 144 5.12 -30.55 20.88
C LEU A 144 5.07 -32.01 20.47
N PRO A 145 3.84 -32.60 20.41
CA PRO A 145 3.83 -34.00 20.02
C PRO A 145 4.31 -34.20 18.59
N ASP A 146 4.81 -35.41 18.31
CA ASP A 146 5.24 -35.77 16.97
C ASP A 146 4.16 -35.43 15.96
N SER A 147 4.48 -34.68 14.90
CA SER A 147 3.44 -34.26 13.97
C SER A 147 2.85 -35.45 13.16
N LYS A 148 3.63 -36.48 12.93
CA LYS A 148 3.10 -37.64 12.22
C LYS A 148 2.04 -38.33 13.07
N GLU A 149 2.30 -38.34 14.38
CA GLU A 149 1.37 -38.96 15.30
C GLU A 149 0.06 -38.15 15.40
N VAL A 150 0.17 -36.81 15.41
CA VAL A 150 -1.03 -35.99 15.43
C VAL A 150 -1.83 -36.26 14.15
N LEU A 151 -1.10 -36.27 13.03
CA LEU A 151 -1.69 -36.51 11.73
C LEU A 151 -2.42 -37.85 11.66
N GLU A 152 -1.73 -38.93 12.06
CA GLU A 152 -2.32 -40.26 11.94
C GLU A 152 -3.48 -40.45 12.88
N LYS A 153 -3.36 -39.96 14.11
CA LYS A 153 -4.40 -40.19 15.10
C LYS A 153 -5.69 -39.40 14.88
N VAL A 154 -5.61 -38.13 14.45
CA VAL A 154 -6.85 -37.36 14.36
C VAL A 154 -7.10 -36.65 13.04
N LEU A 155 -6.16 -36.70 12.10
CA LEU A 155 -6.37 -36.00 10.83
C LEU A 155 -6.63 -36.92 9.63
N LEU A 156 -5.99 -38.10 9.58
CA LEU A 156 -6.09 -38.91 8.37
C LEU A 156 -7.47 -39.53 8.24
N ARG A 157 -7.96 -39.56 7.00
CA ARG A 157 -9.29 -40.04 6.64
C ARG A 157 -9.35 -41.55 6.83
N ARG A 158 -10.38 -42.03 7.52
CA ARG A 158 -10.56 -43.48 7.61
C ARG A 158 -11.50 -43.86 6.50
N GLU A 159 -12.65 -43.21 6.49
CA GLU A 159 -13.61 -43.36 5.43
C GLU A 159 -14.04 -41.95 5.09
N PHE A 160 -14.32 -41.73 3.81
CA PHE A 160 -14.67 -40.40 3.30
C PHE A 160 -15.85 -39.81 4.04
N ILE A 161 -15.70 -38.61 4.55
CA ILE A 161 -16.76 -37.91 5.23
C ILE A 161 -17.25 -36.76 4.35
N PRO A 162 -18.47 -36.87 3.81
CA PRO A 162 -18.87 -35.82 2.87
C PRO A 162 -19.24 -34.56 3.59
N ASP A 163 -19.07 -33.43 2.91
CA ASP A 163 -19.55 -32.16 3.46
C ASP A 163 -21.07 -32.13 3.56
N PRO A 164 -21.61 -31.97 4.78
CA PRO A 164 -23.07 -31.89 4.92
C PRO A 164 -23.65 -30.62 4.30
N GLN A 165 -22.82 -29.62 4.02
CA GLN A 165 -23.30 -28.41 3.34
C GLN A 165 -23.40 -28.61 1.84
N GLY A 166 -22.95 -29.76 1.34
CA GLY A 166 -23.17 -30.07 -0.06
C GLY A 166 -22.11 -29.42 -0.98
N SER A 167 -21.03 -28.91 -0.42
CA SER A 167 -19.95 -28.37 -1.27
C SER A 167 -19.50 -29.38 -2.31
N ASN A 168 -19.29 -28.94 -3.56
CA ASN A 168 -18.92 -29.88 -4.61
C ASN A 168 -17.50 -29.64 -5.15
N MET A 169 -17.14 -30.33 -6.21
CA MET A 169 -15.77 -30.24 -6.68
C MET A 169 -15.61 -28.95 -7.48
N MET A 170 -16.70 -28.42 -8.03
CA MET A 170 -16.58 -27.06 -8.62
C MET A 170 -16.13 -26.09 -7.54
N PHE A 171 -16.68 -26.25 -6.35
CA PHE A 171 -16.33 -25.42 -5.22
C PHE A 171 -14.89 -25.65 -4.81
N ALA A 172 -14.52 -26.93 -4.67
CA ALA A 172 -13.20 -27.26 -4.13
C ALA A 172 -12.12 -26.71 -5.05
N PHE A 173 -12.32 -26.90 -6.34
CA PHE A 173 -11.30 -26.44 -7.26
C PHE A 173 -11.35 -24.93 -7.42
N PHE A 174 -12.50 -24.32 -7.18
CA PHE A 174 -12.54 -22.84 -7.25
C PHE A 174 -11.74 -22.26 -6.07
N ALA A 175 -11.95 -22.83 -4.89
CA ALA A 175 -11.21 -22.44 -3.70
C ALA A 175 -9.70 -22.54 -3.96
N GLN A 176 -9.26 -23.64 -4.57
CA GLN A 176 -7.84 -23.85 -4.83
C GLN A 176 -7.31 -22.82 -5.85
N HIS A 177 -8.04 -22.70 -6.94
CA HIS A 177 -7.62 -21.82 -8.02
C HIS A 177 -7.59 -20.35 -7.52
N PHE A 178 -8.68 -19.91 -6.93
CA PHE A 178 -8.82 -18.53 -6.44
C PHE A 178 -7.73 -18.19 -5.42
N THR A 179 -7.57 -19.02 -4.37
CA THR A 179 -6.62 -18.67 -3.31
C THR A 179 -5.16 -18.80 -3.72
N HIS A 180 -4.86 -19.59 -4.73
CA HIS A 180 -3.43 -19.72 -5.09
C HIS A 180 -2.91 -18.51 -5.86
N GLN A 181 -3.72 -17.48 -6.05
CA GLN A 181 -3.10 -16.25 -6.54
C GLN A 181 -2.51 -15.48 -5.37
N PHE A 182 -2.96 -15.72 -4.14
CA PHE A 182 -2.30 -14.95 -3.10
C PHE A 182 -1.63 -15.81 -2.00
N PHE A 183 -1.83 -17.13 -2.03
CA PHE A 183 -1.01 -18.03 -1.24
C PHE A 183 -0.01 -18.66 -2.20
N LYS A 184 1.21 -18.12 -2.23
CA LYS A 184 2.23 -18.56 -3.17
C LYS A 184 3.53 -18.59 -2.42
N THR A 185 3.67 -19.62 -1.61
CA THR A 185 4.72 -19.60 -0.63
C THR A 185 6.08 -19.75 -1.33
N ASP A 186 7.04 -18.92 -0.94
CA ASP A 186 8.35 -18.94 -1.56
C ASP A 186 9.27 -19.87 -0.80
N HIS A 187 9.26 -21.14 -1.18
CA HIS A 187 9.94 -22.18 -0.41
C HIS A 187 11.46 -22.05 -0.46
N LYS A 188 12.01 -21.41 -1.49
CA LYS A 188 13.43 -21.04 -1.49
C LYS A 188 13.79 -20.22 -0.25
N ARG A 189 12.91 -19.31 0.13
CA ARG A 189 13.17 -18.45 1.27
C ARG A 189 12.67 -19.04 2.60
N GLY A 190 11.49 -19.66 2.57
CA GLY A 190 10.92 -20.23 3.77
C GLY A 190 9.42 -20.07 3.79
N PRO A 191 8.75 -20.81 4.70
CA PRO A 191 7.28 -20.81 4.74
C PRO A 191 6.65 -19.46 5.09
N GLY A 192 7.42 -18.57 5.70
CA GLY A 192 6.92 -17.25 6.07
C GLY A 192 7.05 -16.21 4.96
N PHE A 193 7.49 -16.64 3.78
CA PHE A 193 7.69 -15.79 2.61
C PHE A 193 6.73 -16.12 1.47
N THR A 194 6.34 -15.10 0.71
CA THR A 194 5.42 -15.29 -0.41
C THR A 194 6.03 -14.75 -1.72
N ARG A 195 5.63 -15.36 -2.83
CA ARG A 195 5.97 -14.83 -4.13
C ARG A 195 4.86 -13.94 -4.68
N GLY A 196 3.75 -13.83 -3.94
CA GLY A 196 2.58 -13.05 -4.38
C GLY A 196 2.69 -11.63 -3.88
N LEU A 197 3.50 -10.80 -4.55
CA LEU A 197 3.82 -9.48 -3.99
C LEU A 197 2.67 -8.50 -4.11
N GLY A 198 1.63 -8.82 -4.89
CA GLY A 198 0.44 -7.99 -4.92
C GLY A 198 -0.45 -8.21 -3.70
N HIS A 199 -0.20 -9.30 -2.97
CA HIS A 199 -0.89 -9.53 -1.70
C HIS A 199 -2.42 -9.42 -1.78
N GLY A 200 -2.99 -10.02 -2.82
CA GLY A 200 -4.44 -9.98 -2.89
C GLY A 200 -4.94 -10.40 -4.26
N VAL A 201 -6.13 -9.90 -4.61
CA VAL A 201 -6.82 -10.32 -5.83
C VAL A 201 -6.36 -9.46 -7.01
N ASP A 202 -5.20 -9.81 -7.55
CA ASP A 202 -4.69 -9.12 -8.74
C ASP A 202 -4.75 -10.00 -9.97
N LEU A 203 -5.21 -11.23 -9.78
CA LEU A 203 -5.32 -12.22 -10.88
C LEU A 203 -3.96 -12.51 -11.54
N ASN A 204 -2.90 -12.47 -10.75
CA ASN A 204 -1.60 -12.92 -11.24
C ASN A 204 -1.63 -14.40 -11.66
N HIS A 205 -2.61 -15.16 -11.17
CA HIS A 205 -2.65 -16.61 -11.50
C HIS A 205 -3.18 -16.81 -12.90
N ILE A 206 -3.67 -15.73 -13.50
CA ILE A 206 -4.08 -15.69 -14.88
C ILE A 206 -3.06 -14.95 -15.75
N TYR A 207 -2.59 -13.81 -15.23
CA TYR A 207 -1.81 -12.88 -16.04
C TYR A 207 -0.31 -12.95 -15.81
N GLY A 208 0.12 -13.64 -14.74
CA GLY A 208 1.53 -13.71 -14.37
C GLY A 208 1.89 -12.71 -13.29
N GLU A 209 2.82 -13.08 -12.42
CA GLU A 209 3.19 -12.22 -11.30
C GLU A 209 4.06 -11.07 -11.85
N THR A 210 4.79 -11.32 -12.93
CA THR A 210 5.73 -10.31 -13.46
C THR A 210 5.36 -9.84 -14.85
N LEU A 211 5.85 -8.65 -15.21
CA LEU A 211 5.56 -8.11 -16.51
C LEU A 211 6.12 -9.02 -17.61
N ASP A 212 7.33 -9.54 -17.39
CA ASP A 212 7.96 -10.45 -18.37
C ASP A 212 7.07 -11.66 -18.68
N ARG A 213 6.49 -12.24 -17.65
CA ARG A 213 5.62 -13.39 -17.84
C ARG A 213 4.30 -12.99 -18.49
N GLN A 214 3.75 -11.86 -18.07
CA GLN A 214 2.50 -11.38 -18.67
C GLN A 214 2.66 -11.22 -20.19
N HIS A 215 3.77 -10.62 -20.58
CA HIS A 215 3.95 -10.28 -21.99
C HIS A 215 4.14 -11.55 -22.82
N LYS A 216 4.66 -12.59 -22.21
CA LYS A 216 4.81 -13.86 -22.93
C LYS A 216 3.44 -14.52 -23.09
N LEU A 217 2.52 -14.22 -22.19
CA LEU A 217 1.18 -14.80 -22.21
C LEU A 217 0.19 -14.07 -23.11
N ARG A 218 0.55 -12.84 -23.50
CA ARG A 218 -0.35 -11.98 -24.26
C ARG A 218 -0.17 -12.14 -25.74
N LEU A 219 -1.28 -11.98 -26.45
CA LEU A 219 -1.33 -12.01 -27.89
C LEU A 219 -0.88 -10.69 -28.51
N PHE A 220 -1.07 -9.58 -27.78
CA PHE A 220 -0.85 -8.20 -28.27
C PHE A 220 -1.68 -7.86 -29.50
N LYS A 221 -2.80 -8.54 -29.67
CA LYS A 221 -3.84 -8.05 -30.58
C LYS A 221 -5.13 -8.07 -29.77
N ASP A 222 -5.92 -7.00 -29.86
CA ASP A 222 -7.27 -6.95 -29.29
C ASP A 222 -7.34 -7.14 -27.79
N GLY A 223 -6.21 -6.93 -27.10
CA GLY A 223 -6.17 -7.00 -25.66
C GLY A 223 -6.03 -8.44 -25.13
N LYS A 224 -5.97 -9.40 -26.05
CA LYS A 224 -6.20 -10.80 -25.67
C LYS A 224 -4.96 -11.52 -25.17
N LEU A 225 -5.23 -12.64 -24.50
CA LEU A 225 -4.27 -13.67 -24.10
C LEU A 225 -4.07 -14.69 -25.20
N LYS A 226 -2.84 -15.14 -25.39
CA LYS A 226 -2.56 -16.22 -26.33
C LYS A 226 -3.37 -17.46 -25.97
N TYR A 227 -3.66 -18.28 -26.98
CA TYR A 227 -4.37 -19.54 -26.73
C TYR A 227 -4.06 -20.52 -27.86
N GLN A 228 -4.50 -21.77 -27.70
CA GLN A 228 -4.42 -22.71 -28.82
C GLN A 228 -5.81 -23.31 -28.98
N VAL A 229 -6.06 -23.90 -30.13
CA VAL A 229 -7.33 -24.54 -30.42
C VAL A 229 -7.07 -26.01 -30.65
N ILE A 230 -7.62 -26.86 -29.78
CA ILE A 230 -7.44 -28.31 -29.90
C ILE A 230 -8.82 -28.94 -30.04
N GLY A 231 -9.01 -29.68 -31.11
CA GLY A 231 -10.30 -30.27 -31.45
C GLY A 231 -11.37 -29.19 -31.47
N GLY A 232 -11.01 -27.99 -31.88
CA GLY A 232 -11.99 -26.92 -32.04
C GLY A 232 -12.29 -26.18 -30.74
N GLU A 233 -11.60 -26.56 -29.68
CA GLU A 233 -11.81 -25.98 -28.34
C GLU A 233 -10.64 -25.12 -27.91
N VAL A 234 -10.94 -23.99 -27.27
CA VAL A 234 -9.90 -23.05 -26.83
C VAL A 234 -9.27 -23.45 -25.50
N TYR A 235 -7.95 -23.58 -25.49
CA TYR A 235 -7.16 -23.90 -24.31
C TYR A 235 -6.00 -22.92 -24.15
N PRO A 236 -5.37 -22.86 -22.96
CA PRO A 236 -4.16 -22.05 -22.83
C PRO A 236 -3.09 -22.54 -23.79
N PRO A 237 -2.20 -21.63 -24.19
CA PRO A 237 -1.12 -21.97 -25.12
C PRO A 237 -0.08 -22.89 -24.42
N THR A 238 0.88 -23.38 -25.18
CA THR A 238 1.89 -24.27 -24.60
C THR A 238 3.09 -23.50 -24.03
N VAL A 239 3.83 -24.19 -23.17
CA VAL A 239 5.14 -23.70 -22.69
C VAL A 239 6.11 -23.44 -23.85
N LYS A 240 6.13 -24.35 -24.82
CA LYS A 240 7.05 -24.22 -25.94
C LYS A 240 6.71 -22.98 -26.75
N ASP A 241 5.43 -22.78 -27.01
CA ASP A 241 4.97 -21.63 -27.81
C ASP A 241 5.29 -20.31 -27.09
N THR A 242 5.04 -20.24 -25.79
CA THR A 242 5.15 -18.97 -25.09
C THR A 242 6.50 -18.70 -24.42
N GLN A 243 7.24 -19.77 -24.14
CA GLN A 243 8.45 -19.75 -23.32
C GLN A 243 8.14 -19.31 -21.86
N VAL A 244 6.91 -19.55 -21.44
CA VAL A 244 6.51 -19.34 -20.04
C VAL A 244 6.86 -20.60 -19.23
N GLU A 245 7.65 -20.46 -18.17
CA GLU A 245 7.96 -21.60 -17.32
C GLU A 245 6.75 -22.11 -16.52
N MET A 246 6.59 -23.42 -16.52
CA MET A 246 5.53 -24.11 -15.77
C MET A 246 6.20 -25.29 -15.08
N ILE A 247 5.59 -25.73 -13.99
CA ILE A 247 6.08 -26.96 -13.35
C ILE A 247 5.38 -28.15 -13.98
N TYR A 248 6.14 -29.00 -14.67
CA TYR A 248 5.59 -30.24 -15.23
C TYR A 248 6.65 -31.32 -15.12
N PRO A 249 6.23 -32.56 -14.83
CA PRO A 249 7.17 -33.67 -14.95
C PRO A 249 7.74 -33.73 -16.37
N PRO A 250 8.97 -34.25 -16.52
CA PRO A 250 9.65 -34.25 -17.83
C PRO A 250 8.87 -34.98 -18.94
N HIS A 251 8.10 -35.99 -18.57
CA HIS A 251 7.42 -36.81 -19.57
C HIS A 251 6.13 -36.21 -20.14
N ILE A 252 5.65 -35.07 -19.64
CA ILE A 252 4.40 -34.51 -20.16
C ILE A 252 4.61 -34.10 -21.61
N PRO A 253 3.73 -34.56 -22.52
CA PRO A 253 3.83 -34.18 -23.95
C PRO A 253 3.70 -32.67 -24.16
N GLU A 254 4.44 -32.16 -25.16
CA GLU A 254 4.52 -30.73 -25.45
C GLU A 254 3.17 -30.06 -25.50
N ASN A 255 2.22 -30.65 -26.22
CA ASN A 255 0.97 -29.91 -26.34
C ASN A 255 0.11 -29.95 -25.10
N LEU A 256 0.43 -30.81 -24.15
CA LEU A 256 -0.26 -30.77 -22.85
C LEU A 256 0.46 -29.94 -21.78
N GLN A 257 1.60 -29.34 -22.13
CA GLN A 257 2.23 -28.45 -21.18
C GLN A 257 1.61 -27.08 -21.33
N PHE A 258 0.40 -26.93 -20.79
CA PHE A 258 -0.33 -25.65 -20.83
C PHE A 258 0.36 -24.59 -19.99
N ALA A 259 0.43 -23.37 -20.53
CA ALA A 259 1.07 -22.27 -19.83
C ALA A 259 0.05 -21.22 -19.39
N VAL A 260 0.01 -20.96 -18.10
CA VAL A 260 -0.94 -20.00 -17.55
C VAL A 260 -0.19 -19.13 -16.54
N GLY A 261 -0.89 -18.16 -15.95
CA GLY A 261 -0.30 -17.22 -15.02
C GLY A 261 0.44 -17.88 -13.86
N GLN A 262 -0.16 -18.91 -13.28
CA GLN A 262 0.38 -19.54 -12.09
C GLN A 262 1.12 -20.80 -12.49
N GLU A 263 2.40 -20.87 -12.15
CA GLU A 263 3.27 -21.93 -12.63
C GLU A 263 2.89 -23.31 -12.08
N VAL A 264 2.10 -23.39 -11.00
CA VAL A 264 1.74 -24.70 -10.45
C VAL A 264 0.41 -25.28 -10.98
N PHE A 265 -0.28 -24.54 -11.85
CA PHE A 265 -1.66 -24.94 -12.18
C PHE A 265 -1.75 -26.14 -13.14
N GLY A 266 -0.63 -26.54 -13.73
CA GLY A 266 -0.61 -27.82 -14.46
C GLY A 266 -0.73 -29.03 -13.53
N LEU A 267 -0.62 -28.81 -12.22
CA LEU A 267 -0.59 -29.90 -11.24
C LEU A 267 -1.87 -30.73 -11.29
N VAL A 268 -3.02 -30.09 -11.51
CA VAL A 268 -4.29 -30.78 -11.39
C VAL A 268 -5.25 -30.27 -12.46
N PRO A 269 -5.86 -31.18 -13.21
CA PRO A 269 -6.75 -30.76 -14.30
C PRO A 269 -7.92 -29.88 -13.79
N GLY A 270 -8.31 -30.02 -12.53
CA GLY A 270 -9.31 -29.13 -11.96
C GLY A 270 -8.89 -27.67 -11.91
N LEU A 271 -7.60 -27.42 -11.68
CA LEU A 271 -7.07 -26.06 -11.76
C LEU A 271 -7.01 -25.59 -13.21
N MET A 272 -6.56 -26.45 -14.11
CA MET A 272 -6.49 -26.06 -15.50
C MET A 272 -7.90 -25.83 -16.07
N MET A 273 -8.90 -26.50 -15.52
CA MET A 273 -10.29 -26.22 -15.94
C MET A 273 -10.61 -24.73 -15.71
N TYR A 274 -10.36 -24.26 -14.50
CA TYR A 274 -10.63 -22.86 -14.20
C TYR A 274 -9.67 -21.93 -14.94
N ALA A 275 -8.39 -22.33 -15.06
CA ALA A 275 -7.46 -21.51 -15.86
C ALA A 275 -8.00 -21.28 -17.27
N THR A 276 -8.57 -22.33 -17.85
CA THR A 276 -9.08 -22.27 -19.21
C THR A 276 -10.35 -21.40 -19.24
N ILE A 277 -11.22 -21.60 -18.25
CA ILE A 277 -12.45 -20.80 -18.20
C ILE A 277 -12.12 -19.29 -18.09
N TRP A 278 -11.17 -18.94 -17.23
CA TRP A 278 -10.85 -17.52 -17.02
C TRP A 278 -10.10 -16.95 -18.21
N LEU A 279 -9.27 -17.76 -18.85
CA LEU A 279 -8.63 -17.29 -20.11
C LEU A 279 -9.71 -16.94 -21.17
N ARG A 280 -10.65 -17.85 -21.39
CA ARG A 280 -11.75 -17.58 -22.31
C ARG A 280 -12.52 -16.35 -21.89
N GLU A 281 -12.77 -16.20 -20.58
CA GLU A 281 -13.48 -15.02 -20.08
C GLU A 281 -12.72 -13.72 -20.41
N HIS A 282 -11.42 -13.71 -20.19
CA HIS A 282 -10.60 -12.53 -20.56
C HIS A 282 -10.82 -12.19 -22.01
N ASN A 283 -10.69 -13.18 -22.89
CA ASN A 283 -10.78 -12.88 -24.31
C ASN A 283 -12.20 -12.46 -24.69
N ARG A 284 -13.20 -13.03 -24.00
CA ARG A 284 -14.60 -12.68 -24.24
C ARG A 284 -14.84 -11.19 -23.90
N VAL A 285 -14.30 -10.78 -22.77
CA VAL A 285 -14.43 -9.39 -22.32
C VAL A 285 -13.65 -8.47 -23.29
N CYS A 286 -12.51 -8.93 -23.80
CA CYS A 286 -11.83 -8.17 -24.88
C CYS A 286 -12.73 -7.92 -26.07
N ASP A 287 -13.47 -8.96 -26.48
CA ASP A 287 -14.37 -8.84 -27.63
C ASP A 287 -15.45 -7.82 -27.34
N ILE A 288 -16.00 -7.87 -26.13
CA ILE A 288 -17.04 -6.91 -25.77
C ILE A 288 -16.53 -5.46 -25.74
N LEU A 289 -15.38 -5.28 -25.11
CA LEU A 289 -14.78 -3.94 -25.07
C LEU A 289 -14.40 -3.40 -26.45
N LYS A 290 -13.93 -4.27 -27.35
CA LYS A 290 -13.60 -3.83 -28.71
C LYS A 290 -14.84 -3.38 -29.46
N GLN A 291 -15.95 -4.06 -29.22
CA GLN A 291 -17.23 -3.67 -29.79
C GLN A 291 -17.64 -2.28 -29.29
N GLU A 292 -17.39 -2.02 -28.00
CA GLU A 292 -17.74 -0.75 -27.40
C GLU A 292 -16.74 0.33 -27.78
N HIS A 293 -15.50 -0.05 -27.98
CA HIS A 293 -14.42 0.91 -28.19
C HIS A 293 -13.56 0.49 -29.40
N PRO A 294 -14.08 0.69 -30.61
CA PRO A 294 -13.28 0.34 -31.80
C PRO A 294 -12.01 1.16 -31.88
N GLU A 295 -11.99 2.31 -31.20
CA GLU A 295 -10.83 3.21 -31.20
C GLU A 295 -9.71 2.77 -30.25
N TRP A 296 -9.99 1.84 -29.33
CA TRP A 296 -9.00 1.47 -28.34
C TRP A 296 -7.89 0.59 -28.93
N GLY A 297 -6.70 0.69 -28.38
CA GLY A 297 -5.59 -0.19 -28.76
C GLY A 297 -5.52 -1.45 -27.88
N ASP A 298 -4.57 -2.32 -28.20
CA ASP A 298 -4.38 -3.59 -27.48
C ASP A 298 -4.10 -3.37 -26.00
N GLU A 299 -3.28 -2.37 -25.67
CA GLU A 299 -2.90 -2.24 -24.28
C GLU A 299 -4.11 -1.86 -23.41
N GLN A 300 -4.92 -0.92 -23.87
CA GLN A 300 -6.04 -0.48 -23.04
C GLN A 300 -7.10 -1.58 -22.98
N LEU A 301 -7.25 -2.34 -24.08
CA LEU A 301 -8.18 -3.46 -24.07
C LEU A 301 -7.76 -4.47 -23.03
N PHE A 302 -6.47 -4.81 -23.02
CA PHE A 302 -5.95 -5.80 -22.08
C PHE A 302 -6.13 -5.33 -20.64
N GLN A 303 -5.75 -4.09 -20.35
CA GLN A 303 -5.75 -3.62 -18.96
C GLN A 303 -7.16 -3.48 -18.45
N THR A 304 -8.06 -3.00 -19.30
CA THR A 304 -9.44 -2.81 -18.86
C THR A 304 -10.15 -4.17 -18.62
N SER A 305 -9.85 -5.16 -19.47
CA SER A 305 -10.36 -6.50 -19.30
C SER A 305 -9.86 -7.07 -17.97
N ARG A 306 -8.58 -6.86 -17.68
CA ARG A 306 -8.05 -7.33 -16.40
C ARG A 306 -8.80 -6.71 -15.23
N LEU A 307 -9.02 -5.40 -15.24
CA LEU A 307 -9.80 -4.79 -14.15
C LEU A 307 -11.21 -5.38 -14.06
N ILE A 308 -11.86 -5.57 -15.19
CA ILE A 308 -13.19 -6.21 -15.18
C ILE A 308 -13.14 -7.62 -14.55
N LEU A 309 -12.14 -8.42 -14.92
CA LEU A 309 -12.06 -9.78 -14.36
C LEU A 309 -11.76 -9.76 -12.88
N ILE A 310 -10.95 -8.80 -12.44
CA ILE A 310 -10.75 -8.65 -11.01
C ILE A 310 -12.10 -8.41 -10.32
N GLY A 311 -12.88 -7.46 -10.85
CA GLY A 311 -14.22 -7.20 -10.30
C GLY A 311 -15.14 -8.43 -10.32
N GLU A 312 -15.16 -9.12 -11.45
CA GLU A 312 -15.98 -10.34 -11.56
C GLU A 312 -15.59 -11.37 -10.50
N THR A 313 -14.28 -11.48 -10.28
CA THR A 313 -13.75 -12.43 -9.31
C THR A 313 -14.26 -12.10 -7.92
N ILE A 314 -14.13 -10.83 -7.55
CA ILE A 314 -14.59 -10.39 -6.24
C ILE A 314 -16.11 -10.58 -6.10
N LYS A 315 -16.85 -10.20 -7.13
CA LYS A 315 -18.31 -10.44 -7.17
C LYS A 315 -18.66 -11.90 -6.86
N ILE A 316 -18.01 -12.82 -7.55
CA ILE A 316 -18.37 -14.24 -7.46
C ILE A 316 -17.96 -14.77 -6.09
N VAL A 317 -16.82 -14.30 -5.61
CA VAL A 317 -16.30 -14.78 -4.34
C VAL A 317 -17.28 -14.37 -3.24
N ILE A 318 -17.83 -13.18 -3.35
CA ILE A 318 -18.75 -12.79 -2.29
C ILE A 318 -20.12 -13.43 -2.44
N GLU A 319 -20.74 -13.28 -3.61
CA GLU A 319 -22.15 -13.63 -3.74
C GLU A 319 -22.41 -15.10 -4.07
N ASP A 320 -21.41 -15.83 -4.54
CA ASP A 320 -21.60 -17.28 -4.74
C ASP A 320 -20.77 -18.08 -3.73
N TYR A 321 -19.48 -17.75 -3.63
CA TYR A 321 -18.54 -18.64 -2.94
C TYR A 321 -18.66 -18.48 -1.43
N VAL A 322 -18.52 -17.25 -0.94
CA VAL A 322 -18.67 -17.00 0.50
C VAL A 322 -20.14 -17.27 0.89
N GLN A 323 -21.07 -16.85 0.03
CA GLN A 323 -22.48 -17.11 0.26
C GLN A 323 -22.73 -18.59 0.54
N HIS A 324 -22.17 -19.44 -0.31
CA HIS A 324 -22.34 -20.88 -0.15
C HIS A 324 -21.75 -21.37 1.18
N LEU A 325 -20.49 -21.04 1.41
CA LEU A 325 -19.78 -21.43 2.64
C LEU A 325 -20.48 -20.99 3.93
N SER A 326 -21.02 -19.77 3.91
CA SER A 326 -21.58 -19.16 5.09
C SER A 326 -22.75 -19.99 5.58
N GLY A 327 -23.54 -20.50 4.65
CA GLY A 327 -24.79 -21.16 5.02
C GLY A 327 -25.88 -20.16 5.41
N TYR A 328 -25.64 -18.86 5.19
CA TYR A 328 -26.62 -17.84 5.63
C TYR A 328 -27.82 -17.79 4.72
N HIS A 329 -28.96 -17.45 5.30
CA HIS A 329 -30.18 -17.15 4.54
C HIS A 329 -30.09 -15.72 3.99
N PHE A 330 -29.39 -14.88 4.73
CA PHE A 330 -29.11 -13.52 4.26
C PHE A 330 -28.27 -13.55 2.97
N LYS A 331 -28.69 -12.78 1.96
CA LYS A 331 -27.95 -12.74 0.69
C LYS A 331 -26.85 -11.69 0.75
N LEU A 332 -25.63 -12.13 0.93
CA LEU A 332 -24.47 -11.23 0.82
C LEU A 332 -24.44 -10.43 -0.50
N LYS A 333 -23.81 -9.26 -0.47
CA LYS A 333 -23.79 -8.36 -1.61
C LYS A 333 -22.38 -7.81 -1.83
N PHE A 334 -21.91 -7.82 -3.07
CA PHE A 334 -20.68 -7.09 -3.39
C PHE A 334 -21.06 -5.65 -3.79
N ASP A 335 -20.72 -4.69 -2.95
CA ASP A 335 -21.09 -3.30 -3.25
C ASP A 335 -20.15 -2.37 -2.54
N PRO A 336 -19.07 -2.01 -3.23
CA PRO A 336 -18.06 -1.07 -2.70
C PRO A 336 -18.67 0.19 -2.11
N GLU A 337 -19.79 0.65 -2.66
CA GLU A 337 -20.40 1.91 -2.19
C GLU A 337 -20.75 1.86 -0.73
N LEU A 338 -20.98 0.65 -0.22
CA LEU A 338 -21.38 0.50 1.18
C LEU A 338 -20.31 0.99 2.16
N LEU A 339 -19.07 1.10 1.71
CA LEU A 339 -17.98 1.49 2.61
C LEU A 339 -17.59 2.95 2.45
N PHE A 340 -18.21 3.63 1.49
CA PHE A 340 -17.75 4.98 1.13
C PHE A 340 -18.00 6.01 2.24
N ASN A 341 -18.90 5.72 3.18
CA ASN A 341 -19.01 6.64 4.33
C ASN A 341 -18.50 6.00 5.59
N GLN A 342 -17.65 4.97 5.43
CA GLN A 342 -17.06 4.24 6.53
C GLN A 342 -15.55 4.45 6.55
N GLN A 343 -14.94 4.24 7.72
CA GLN A 343 -13.49 4.16 7.82
C GLN A 343 -13.07 2.79 7.31
N PHE A 344 -12.17 2.77 6.36
CA PHE A 344 -11.74 1.52 5.76
C PHE A 344 -10.47 1.75 4.97
N GLN A 345 -9.52 0.82 5.08
CA GLN A 345 -8.22 0.99 4.43
C GLN A 345 -8.21 0.16 3.16
N TYR A 346 -8.05 0.82 2.00
CA TYR A 346 -8.01 0.08 0.74
C TYR A 346 -6.62 -0.47 0.48
N GLN A 347 -6.25 -1.50 1.21
CA GLN A 347 -4.96 -2.16 1.03
C GLN A 347 -5.07 -3.46 1.78
N ASN A 348 -4.13 -4.36 1.52
CA ASN A 348 -4.19 -5.68 2.13
C ASN A 348 -2.81 -6.28 2.09
N ARG A 349 -2.49 -7.05 3.12
CA ARG A 349 -1.24 -7.79 3.20
C ARG A 349 -1.66 -9.19 3.63
N ILE A 350 -1.22 -10.20 2.91
CA ILE A 350 -1.69 -11.57 3.15
C ILE A 350 -1.01 -12.15 4.41
N ALA A 351 -1.82 -12.58 5.36
CA ALA A 351 -1.31 -13.13 6.60
C ALA A 351 -0.96 -14.62 6.46
N SER A 352 0.16 -15.01 7.05
CA SER A 352 0.57 -16.42 7.13
C SER A 352 -0.53 -17.30 7.70
N GLU A 353 -1.24 -16.80 8.72
CA GLU A 353 -2.28 -17.64 9.35
C GLU A 353 -3.51 -17.84 8.45
N PHE A 354 -3.74 -16.85 7.60
CA PHE A 354 -4.78 -16.93 6.56
C PHE A 354 -4.44 -18.06 5.59
N ASN A 355 -3.18 -18.09 5.15
CA ASN A 355 -2.66 -19.20 4.35
C ASN A 355 -2.88 -20.54 5.07
N THR A 356 -2.38 -20.64 6.29
CA THR A 356 -2.47 -21.88 7.07
C THR A 356 -3.93 -22.38 7.24
N LEU A 357 -4.84 -21.49 7.63
CA LEU A 357 -6.22 -21.92 7.87
C LEU A 357 -6.88 -22.38 6.57
N TYR A 358 -6.37 -21.94 5.41
CA TYR A 358 -6.92 -22.33 4.12
C TYR A 358 -6.35 -23.65 3.57
N HIS A 359 -5.59 -24.38 4.37
CA HIS A 359 -5.11 -25.71 3.94
C HIS A 359 -6.24 -26.74 4.07
N TRP A 360 -7.26 -26.60 3.23
CA TRP A 360 -8.48 -27.38 3.34
C TRP A 360 -8.36 -28.75 2.65
N HIS A 361 -7.29 -29.44 2.94
N HIS A 361 -7.33 -29.49 2.90
CA HIS A 361 -7.00 -30.78 2.44
CA HIS A 361 -7.19 -30.72 2.12
C HIS A 361 -8.21 -31.72 2.48
C HIS A 361 -8.16 -31.86 2.50
N PRO A 362 -8.97 -31.72 3.59
CA PRO A 362 -10.09 -32.69 3.62
C PRO A 362 -11.14 -32.52 2.55
N LEU A 363 -11.22 -31.36 1.88
CA LEU A 363 -12.17 -31.23 0.78
C LEU A 363 -11.99 -32.29 -0.29
N LEU A 364 -10.75 -32.73 -0.48
CA LEU A 364 -10.41 -33.60 -1.60
C LEU A 364 -11.07 -34.98 -1.48
N PRO A 365 -11.72 -35.46 -2.54
CA PRO A 365 -12.39 -36.76 -2.57
C PRO A 365 -11.39 -37.88 -2.61
N ASP A 366 -11.84 -39.13 -2.51
CA ASP A 366 -10.94 -40.27 -2.68
C ASP A 366 -10.58 -40.50 -4.13
N THR A 367 -11.50 -40.18 -5.03
CA THR A 367 -11.26 -40.27 -6.48
C THR A 367 -11.90 -39.09 -7.16
N PHE A 368 -11.49 -38.83 -8.40
CA PHE A 368 -12.03 -37.69 -9.16
C PHE A 368 -12.93 -38.28 -10.24
N ASN A 369 -14.23 -38.06 -10.08
CA ASN A 369 -15.22 -38.78 -10.89
C ASN A 369 -15.71 -37.94 -12.06
N ILE A 370 -15.23 -38.29 -13.25
CA ILE A 370 -15.60 -37.52 -14.44
C ILE A 370 -16.28 -38.46 -15.40
N GLU A 371 -17.50 -38.08 -15.80
CA GLU A 371 -18.28 -38.91 -16.70
C GLU A 371 -18.38 -40.30 -16.05
N ASP A 372 -17.96 -41.34 -16.75
CA ASP A 372 -18.05 -42.67 -16.17
C ASP A 372 -16.73 -43.17 -15.57
N GLN A 373 -15.73 -42.29 -15.48
CA GLN A 373 -14.43 -42.68 -14.94
C GLN A 373 -14.23 -42.22 -13.50
N GLU A 374 -13.44 -42.97 -12.76
CA GLU A 374 -13.10 -42.60 -11.39
C GLU A 374 -11.59 -42.58 -11.26
N TYR A 375 -10.99 -41.41 -11.41
CA TYR A 375 -9.53 -41.32 -11.45
C TYR A 375 -8.94 -41.29 -10.05
N SER A 376 -7.86 -42.04 -9.84
CA SER A 376 -7.13 -41.94 -8.59
C SER A 376 -6.28 -40.67 -8.57
N PHE A 377 -5.72 -40.34 -7.40
CA PHE A 377 -4.80 -39.20 -7.32
C PHE A 377 -3.67 -39.39 -8.32
N LYS A 378 -3.11 -40.59 -8.36
CA LYS A 378 -1.98 -40.88 -9.22
C LYS A 378 -2.34 -40.63 -10.68
N GLN A 379 -3.57 -40.99 -11.06
CA GLN A 379 -4.01 -40.83 -12.44
C GLN A 379 -4.34 -39.38 -12.75
N PHE A 380 -4.78 -38.65 -11.75
CA PHE A 380 -5.31 -37.29 -11.95
C PHE A 380 -4.17 -36.27 -12.02
N LEU A 381 -3.17 -36.42 -11.16
CA LEU A 381 -2.06 -35.43 -11.03
C LEU A 381 -1.28 -35.21 -12.33
N TYR A 382 -1.08 -33.95 -12.70
CA TYR A 382 -0.34 -33.55 -13.88
C TYR A 382 -0.88 -34.20 -15.14
N ASN A 383 -2.19 -34.41 -15.19
CA ASN A 383 -2.74 -35.11 -16.32
C ASN A 383 -3.79 -34.31 -17.06
N ASN A 384 -3.33 -33.34 -17.88
CA ASN A 384 -4.24 -32.52 -18.68
C ASN A 384 -4.90 -33.32 -19.79
N SER A 385 -4.41 -34.53 -20.06
CA SER A 385 -5.07 -35.33 -21.10
C SER A 385 -6.52 -35.65 -20.70
N ILE A 386 -6.77 -35.74 -19.39
CA ILE A 386 -8.11 -36.01 -18.89
C ILE A 386 -9.02 -34.82 -19.27
N LEU A 387 -8.51 -33.60 -19.12
CA LEU A 387 -9.28 -32.41 -19.50
C LEU A 387 -9.63 -32.43 -21.00
N LEU A 388 -8.66 -32.76 -21.83
CA LEU A 388 -8.87 -32.80 -23.28
C LEU A 388 -9.88 -33.86 -23.65
N GLU A 389 -9.67 -35.05 -23.08
CA GLU A 389 -10.48 -36.19 -23.37
C GLU A 389 -11.96 -35.92 -23.08
N HIS A 390 -12.24 -35.41 -21.89
CA HIS A 390 -13.64 -35.25 -21.46
C HIS A 390 -14.22 -33.89 -21.89
N GLY A 391 -13.37 -32.87 -21.96
CA GLY A 391 -13.77 -31.52 -22.34
C GLY A 391 -14.30 -30.78 -21.13
N LEU A 392 -14.38 -29.46 -21.23
CA LEU A 392 -14.84 -28.62 -20.14
C LEU A 392 -16.29 -28.85 -19.76
N THR A 393 -17.14 -29.09 -20.75
CA THR A 393 -18.58 -29.23 -20.46
C THR A 393 -18.78 -30.41 -19.48
N GLN A 394 -18.18 -31.53 -19.80
CA GLN A 394 -18.27 -32.74 -18.96
C GLN A 394 -17.57 -32.53 -17.59
N PHE A 395 -16.44 -31.84 -17.58
CA PHE A 395 -15.82 -31.46 -16.31
C PHE A 395 -16.77 -30.70 -15.41
N VAL A 396 -17.42 -29.69 -15.96
CA VAL A 396 -18.38 -28.91 -15.18
C VAL A 396 -19.54 -29.76 -14.68
N GLU A 397 -20.15 -30.54 -15.58
CA GLU A 397 -21.28 -31.37 -15.24
C GLU A 397 -20.86 -32.38 -14.16
N SER A 398 -19.66 -32.94 -14.28
CA SER A 398 -19.23 -33.96 -13.33
C SER A 398 -18.84 -33.37 -11.99
N PHE A 399 -18.09 -32.28 -12.03
CA PHE A 399 -17.64 -31.73 -10.77
C PHE A 399 -18.78 -31.06 -10.03
N THR A 400 -19.80 -30.63 -10.75
CA THR A 400 -20.95 -30.01 -10.10
C THR A 400 -21.72 -31.07 -9.28
N ARG A 401 -21.67 -32.31 -9.73
CA ARG A 401 -22.39 -33.38 -9.06
C ARG A 401 -21.57 -34.09 -8.01
N GLN A 402 -20.24 -33.95 -8.02
CA GLN A 402 -19.42 -34.71 -7.04
C GLN A 402 -19.23 -33.97 -5.70
N ILE A 403 -19.61 -34.62 -4.61
CA ILE A 403 -19.49 -33.98 -3.31
C ILE A 403 -18.03 -33.92 -2.79
N ALA A 404 -17.69 -32.84 -2.09
CA ALA A 404 -16.38 -32.70 -1.51
C ALA A 404 -16.43 -33.13 -0.04
N GLY A 405 -15.25 -33.23 0.57
CA GLY A 405 -15.16 -33.71 1.96
C GLY A 405 -15.40 -32.61 2.98
N ARG A 406 -15.88 -33.02 4.14
CA ARG A 406 -16.02 -32.13 5.27
C ARG A 406 -14.65 -31.70 5.80
N VAL A 407 -14.49 -30.43 6.11
CA VAL A 407 -13.19 -29.90 6.54
C VAL A 407 -12.99 -29.96 8.05
N ALA A 408 -13.97 -29.51 8.82
CA ALA A 408 -13.90 -29.70 10.28
C ALA A 408 -14.41 -31.10 10.66
N GLY A 409 -14.39 -31.41 11.96
CA GLY A 409 -14.94 -32.67 12.47
C GLY A 409 -13.96 -33.84 12.57
N GLY A 410 -12.76 -33.65 12.01
CA GLY A 410 -11.67 -34.60 12.19
C GLY A 410 -11.59 -35.75 11.19
N ARG A 411 -10.39 -36.33 11.13
CA ARG A 411 -10.13 -37.56 10.40
C ARG A 411 -10.69 -37.58 9.00
N ASN A 412 -10.38 -36.57 8.21
CA ASN A 412 -10.89 -36.58 6.86
C ASN A 412 -9.86 -36.10 5.85
N VAL A 413 -8.57 -36.13 6.22
CA VAL A 413 -7.50 -35.79 5.27
C VAL A 413 -7.12 -37.02 4.44
N PRO A 414 -7.29 -36.96 3.10
CA PRO A 414 -6.95 -38.12 2.27
C PRO A 414 -5.49 -38.51 2.44
N ILE A 415 -5.20 -39.80 2.54
CA ILE A 415 -3.83 -40.22 2.78
C ILE A 415 -2.91 -39.80 1.62
N ALA A 416 -3.47 -39.65 0.43
CA ALA A 416 -2.68 -39.24 -0.73
C ALA A 416 -1.95 -37.92 -0.50
N VAL A 417 -2.54 -37.04 0.32
CA VAL A 417 -1.87 -35.77 0.57
C VAL A 417 -1.40 -35.66 2.03
N GLN A 418 -1.14 -36.80 2.67
CA GLN A 418 -0.67 -36.77 4.07
C GLN A 418 0.58 -35.91 4.29
N ALA A 419 1.50 -35.87 3.32
CA ALA A 419 2.75 -35.13 3.45
C ALA A 419 2.48 -33.62 3.48
N VAL A 420 1.44 -33.20 2.79
CA VAL A 420 1.06 -31.79 2.76
C VAL A 420 0.50 -31.37 4.11
N ALA A 421 -0.39 -32.20 4.66
CA ALA A 421 -0.92 -31.94 5.99
C ALA A 421 0.18 -31.94 7.05
N LYS A 422 1.10 -32.89 7.00
CA LYS A 422 2.16 -32.91 8.00
C LYS A 422 3.01 -31.64 7.86
N ALA A 423 3.27 -31.21 6.63
CA ALA A 423 4.04 -29.99 6.39
C ALA A 423 3.30 -28.75 6.92
N SER A 424 1.97 -28.74 6.87
CA SER A 424 1.23 -27.59 7.41
C SER A 424 1.49 -27.48 8.90
N ILE A 425 1.51 -28.64 9.58
CA ILE A 425 1.88 -28.67 10.99
C ILE A 425 3.33 -28.27 11.22
N ASP A 426 4.25 -28.89 10.48
CA ASP A 426 5.67 -28.67 10.74
C ASP A 426 6.04 -27.20 10.46
N GLN A 427 5.44 -26.63 9.42
CA GLN A 427 5.79 -25.25 9.03
C GLN A 427 5.23 -24.23 10.03
N SER A 428 4.02 -24.47 10.54
CA SER A 428 3.45 -23.66 11.64
C SER A 428 4.42 -23.62 12.79
N ARG A 429 5.04 -24.76 13.09
CA ARG A 429 5.97 -24.81 14.20
C ARG A 429 7.25 -24.10 13.88
N GLU A 430 7.74 -24.28 12.66
CA GLU A 430 8.97 -23.55 12.25
C GLU A 430 8.77 -22.03 12.33
N MET A 431 7.56 -21.60 11.99
CA MET A 431 7.22 -20.17 12.00
C MET A 431 6.82 -19.67 13.40
N LYS A 432 6.98 -20.55 14.40
CA LYS A 432 6.70 -20.25 15.81
C LYS A 432 5.30 -19.66 16.03
N TYR A 433 4.29 -20.31 15.46
CA TYR A 433 2.91 -19.92 15.71
C TYR A 433 2.55 -20.04 17.18
N GLN A 434 1.79 -19.08 17.66
CA GLN A 434 1.18 -19.22 18.97
C GLN A 434 0.06 -20.28 18.93
N SER A 435 -0.46 -20.61 20.10
CA SER A 435 -1.44 -21.70 20.22
C SER A 435 -2.82 -21.34 19.66
N LEU A 436 -3.65 -22.37 19.48
CA LEU A 436 -5.06 -22.20 19.12
C LEU A 436 -5.75 -21.17 20.00
N ASN A 437 -5.59 -21.32 21.31
CA ASN A 437 -6.34 -20.47 22.22
C ASN A 437 -5.84 -19.02 22.19
N GLU A 438 -4.56 -18.79 21.95
CA GLU A 438 -4.09 -17.42 21.72
C GLU A 438 -4.75 -16.84 20.44
N TYR A 439 -4.84 -17.62 19.37
CA TYR A 439 -5.51 -17.13 18.17
C TYR A 439 -6.99 -16.91 18.41
N ARG A 440 -7.61 -17.78 19.17
CA ARG A 440 -9.03 -17.57 19.46
C ARG A 440 -9.22 -16.23 20.18
N LYS A 441 -8.38 -15.97 21.17
CA LYS A 441 -8.49 -14.68 21.91
C LYS A 441 -8.24 -13.50 20.98
N ARG A 442 -7.28 -13.67 20.08
CA ARG A 442 -6.93 -12.59 19.14
C ARG A 442 -8.13 -12.21 18.24
N PHE A 443 -9.01 -13.17 18.01
CA PHE A 443 -10.19 -12.91 17.19
C PHE A 443 -11.48 -12.93 18.02
N SER A 444 -11.34 -12.58 19.30
CA SER A 444 -12.46 -12.34 20.22
C SER A 444 -13.31 -13.56 20.49
N LEU A 445 -12.70 -14.73 20.46
CA LEU A 445 -13.39 -15.97 20.82
C LEU A 445 -12.94 -16.40 22.20
N LYS A 446 -13.82 -17.10 22.91
CA LYS A 446 -13.49 -17.69 24.19
C LYS A 446 -12.51 -18.84 23.97
N PRO A 447 -11.42 -18.88 24.74
CA PRO A 447 -10.53 -20.05 24.71
C PRO A 447 -11.27 -21.35 25.03
N TYR A 448 -10.93 -22.45 24.34
CA TYR A 448 -11.43 -23.77 24.71
C TYR A 448 -10.86 -24.15 26.06
N THR A 449 -11.68 -24.74 26.92
CA THR A 449 -11.23 -25.14 28.24
C THR A 449 -10.97 -26.64 28.33
N SER A 450 -11.22 -27.36 27.24
CA SER A 450 -10.86 -28.78 27.24
C SER A 450 -10.80 -29.28 25.82
N PHE A 451 -10.24 -30.46 25.64
CA PHE A 451 -10.15 -31.01 24.29
C PHE A 451 -11.52 -31.47 23.85
N GLU A 452 -12.32 -31.94 24.79
CA GLU A 452 -13.66 -32.39 24.48
C GLU A 452 -14.50 -31.22 24.00
N GLU A 453 -14.30 -30.05 24.62
CA GLU A 453 -15.00 -28.84 24.16
C GLU A 453 -14.60 -28.52 22.74
N LEU A 454 -13.30 -28.60 22.44
CA LEU A 454 -12.82 -28.37 21.07
C LEU A 454 -13.49 -29.30 20.04
N THR A 455 -13.48 -30.61 20.29
CA THR A 455 -13.93 -31.56 19.26
C THR A 455 -15.42 -31.89 19.34
N GLY A 456 -16.05 -31.63 20.48
CA GLY A 456 -17.44 -32.01 20.68
C GLY A 456 -17.65 -33.51 20.82
N GLU A 457 -16.57 -34.29 20.91
CA GLU A 457 -16.69 -35.73 21.08
C GLU A 457 -15.62 -36.23 22.04
N LYS A 458 -15.48 -37.55 22.18
CA LYS A 458 -14.59 -38.07 23.22
C LYS A 458 -13.33 -38.76 22.72
N GLU A 459 -13.41 -39.47 21.59
CA GLU A 459 -12.31 -40.33 21.18
C GLU A 459 -11.12 -39.52 20.70
N MET A 460 -11.34 -38.62 19.74
CA MET A 460 -10.25 -37.76 19.28
C MET A 460 -9.72 -36.85 20.38
N ALA A 461 -10.62 -36.33 21.20
CA ALA A 461 -10.24 -35.47 22.29
C ALA A 461 -9.29 -36.18 23.28
N ALA A 462 -9.56 -37.47 23.55
CA ALA A 462 -8.68 -38.25 24.43
C ALA A 462 -7.32 -38.46 23.78
N GLU A 463 -7.29 -38.69 22.48
CA GLU A 463 -6.01 -38.80 21.80
C GLU A 463 -5.23 -37.46 21.87
N LEU A 464 -5.92 -36.35 21.64
CA LEU A 464 -5.26 -35.04 21.69
C LEU A 464 -4.75 -34.71 23.09
N LYS A 465 -5.57 -35.07 24.08
CA LYS A 465 -5.21 -34.88 25.47
C LYS A 465 -3.91 -35.61 25.77
N ALA A 466 -3.79 -36.86 25.33
CA ALA A 466 -2.55 -37.60 25.63
C ALA A 466 -1.36 -37.00 24.86
N LEU A 467 -1.60 -36.54 23.63
CA LEU A 467 -0.55 -35.91 22.82
C LEU A 467 -0.06 -34.55 23.34
N TYR A 468 -0.99 -33.66 23.67
CA TYR A 468 -0.65 -32.25 23.92
C TYR A 468 -0.65 -31.88 25.42
N SER A 469 -1.34 -32.69 26.24
CA SER A 469 -1.49 -32.48 27.70
C SER A 469 -2.35 -31.28 28.14
N ASP A 470 -2.15 -30.14 27.51
CA ASP A 470 -2.80 -28.88 27.90
C ASP A 470 -3.54 -28.27 26.69
N ILE A 471 -4.84 -28.07 26.80
CA ILE A 471 -5.60 -27.45 25.71
C ILE A 471 -4.99 -26.10 25.32
N ASP A 472 -4.31 -25.43 26.24
CA ASP A 472 -3.75 -24.13 25.91
C ASP A 472 -2.50 -24.21 25.04
N VAL A 473 -1.99 -25.41 24.77
CA VAL A 473 -0.91 -25.53 23.78
C VAL A 473 -1.32 -26.35 22.55
N MET A 474 -2.62 -26.63 22.44
CA MET A 474 -3.14 -27.20 21.20
C MET A 474 -2.81 -26.25 20.05
N GLU A 475 -2.41 -26.79 18.89
CA GLU A 475 -2.03 -25.97 17.74
C GLU A 475 -3.21 -25.60 16.85
N LEU A 476 -3.04 -24.49 16.15
CA LEU A 476 -4.10 -23.91 15.35
C LEU A 476 -4.54 -24.83 14.21
N TYR A 477 -3.58 -25.29 13.43
CA TYR A 477 -3.98 -25.94 12.18
C TYR A 477 -4.65 -27.30 12.46
N PRO A 478 -4.06 -28.17 13.29
CA PRO A 478 -4.81 -29.42 13.53
C PRO A 478 -6.16 -29.14 14.21
N ALA A 479 -6.24 -28.07 15.00
CA ALA A 479 -7.48 -27.77 15.70
C ALA A 479 -8.59 -27.43 14.72
N LEU A 480 -8.26 -26.64 13.69
CA LEU A 480 -9.23 -26.29 12.68
C LEU A 480 -9.84 -27.53 12.02
N LEU A 481 -9.03 -28.56 11.82
CA LEU A 481 -9.54 -29.73 11.11
C LEU A 481 -10.21 -30.73 12.05
N VAL A 482 -10.03 -30.60 13.36
CA VAL A 482 -10.74 -31.52 14.26
C VAL A 482 -11.89 -30.85 14.99
N GLU A 483 -12.00 -29.53 14.85
CA GLU A 483 -12.98 -28.77 15.60
C GLU A 483 -14.41 -29.32 15.39
N LYS A 484 -15.22 -29.28 16.44
CA LYS A 484 -16.66 -29.51 16.27
C LYS A 484 -17.23 -28.60 15.19
N PRO A 485 -17.83 -29.17 14.14
CA PRO A 485 -18.42 -28.29 13.13
C PRO A 485 -19.65 -27.57 13.65
N ARG A 486 -20.00 -26.42 13.09
CA ARG A 486 -21.38 -25.93 13.27
C ARG A 486 -22.37 -27.04 12.80
N PRO A 487 -23.63 -26.98 13.27
CA PRO A 487 -24.63 -28.01 12.92
C PRO A 487 -24.79 -28.20 11.42
N ASP A 488 -24.54 -29.43 10.94
CA ASP A 488 -24.55 -29.74 9.51
C ASP A 488 -23.66 -28.82 8.69
N ALA A 489 -22.59 -28.33 9.28
CA ALA A 489 -21.76 -27.37 8.54
C ALA A 489 -20.41 -27.95 8.15
N ILE A 490 -19.70 -27.26 7.24
CA ILE A 490 -18.42 -27.79 6.80
C ILE A 490 -17.27 -27.36 7.75
N PHE A 491 -17.50 -26.29 8.51
CA PHE A 491 -16.48 -25.64 9.36
C PHE A 491 -16.94 -25.50 10.79
N GLY A 492 -15.97 -25.36 11.70
CA GLY A 492 -16.28 -24.97 13.06
C GLY A 492 -16.05 -23.47 13.26
N GLU A 493 -16.34 -23.03 14.48
CA GLU A 493 -16.31 -21.62 14.82
C GLU A 493 -14.98 -20.96 14.50
N THR A 494 -13.85 -21.58 14.85
CA THR A 494 -12.56 -20.90 14.69
C THR A 494 -12.26 -20.58 13.21
N MET A 495 -12.54 -21.54 12.34
CA MET A 495 -12.28 -21.38 10.93
C MET A 495 -12.99 -20.15 10.36
N VAL A 496 -14.27 -20.05 10.70
CA VAL A 496 -15.11 -18.99 10.20
C VAL A 496 -14.71 -17.64 10.81
N GLU A 497 -14.50 -17.60 12.12
CA GLU A 497 -14.20 -16.31 12.76
C GLU A 497 -12.81 -15.76 12.44
N LEU A 498 -11.87 -16.61 12.04
CA LEU A 498 -10.60 -16.09 11.52
C LEU A 498 -10.72 -15.84 10.03
N GLY A 499 -11.27 -16.82 9.33
CA GLY A 499 -11.32 -16.77 7.87
C GLY A 499 -12.09 -15.59 7.31
N ALA A 500 -13.22 -15.25 7.94
CA ALA A 500 -14.09 -14.22 7.37
C ALA A 500 -13.42 -12.83 7.39
N PRO A 501 -12.85 -12.41 8.54
CA PRO A 501 -12.21 -11.09 8.44
C PRO A 501 -11.05 -11.05 7.43
N PHE A 502 -10.19 -12.06 7.39
CA PHE A 502 -9.12 -12.04 6.38
C PHE A 502 -9.69 -11.97 4.97
N THR A 503 -10.75 -12.75 4.71
CA THR A 503 -11.32 -12.79 3.37
C THR A 503 -11.95 -11.47 2.95
N LEU A 504 -12.79 -10.92 3.80
CA LEU A 504 -13.54 -9.70 3.45
C LEU A 504 -12.56 -8.53 3.30
N LYS A 505 -11.53 -8.57 4.13
CA LYS A 505 -10.47 -7.58 4.01
C LYS A 505 -9.66 -7.72 2.71
N GLY A 506 -9.28 -8.94 2.34
CA GLY A 506 -8.60 -9.14 1.07
C GLY A 506 -9.44 -8.80 -0.17
N LEU A 507 -10.75 -8.90 -0.06
CA LEU A 507 -11.64 -8.60 -1.20
C LEU A 507 -11.92 -7.09 -1.30
N MET A 508 -12.32 -6.51 -0.18
CA MET A 508 -12.76 -5.11 -0.22
C MET A 508 -11.54 -4.18 -0.20
N GLY A 509 -10.40 -4.68 0.30
CA GLY A 509 -9.18 -3.91 0.35
C GLY A 509 -8.63 -3.53 -1.04
N ASN A 510 -9.14 -4.14 -2.09
CA ASN A 510 -8.59 -3.96 -3.44
C ASN A 510 -8.82 -2.50 -3.96
N PRO A 511 -7.87 -1.91 -4.73
CA PRO A 511 -8.13 -0.53 -5.16
C PRO A 511 -9.36 -0.40 -6.03
N ILE A 512 -9.83 -1.47 -6.68
CA ILE A 512 -10.96 -1.25 -7.59
C ILE A 512 -12.22 -0.97 -6.78
N CYS A 513 -12.19 -1.33 -5.48
CA CYS A 513 -13.29 -0.99 -4.57
C CYS A 513 -13.24 0.42 -4.01
N SER A 514 -12.14 1.13 -4.23
CA SER A 514 -12.01 2.49 -3.69
C SER A 514 -12.84 3.49 -4.55
N PRO A 515 -13.30 4.61 -3.95
CA PRO A 515 -14.19 5.51 -4.68
C PRO A 515 -13.61 6.05 -5.98
N GLN A 516 -12.31 6.29 -6.08
CA GLN A 516 -11.83 6.84 -7.36
C GLN A 516 -11.74 5.77 -8.44
N TYR A 517 -11.73 4.50 -8.06
CA TYR A 517 -11.81 3.43 -9.07
C TYR A 517 -13.24 2.95 -9.37
N TRP A 518 -14.12 2.95 -8.37
CA TRP A 518 -15.43 2.29 -8.50
C TRP A 518 -16.42 3.18 -9.27
N LYS A 519 -16.25 3.25 -10.58
CA LYS A 519 -17.12 4.06 -11.43
C LYS A 519 -17.05 3.46 -12.84
N PRO A 520 -18.07 3.67 -13.67
CA PRO A 520 -18.10 2.99 -14.97
C PRO A 520 -16.88 3.24 -15.85
N SER A 521 -16.34 4.47 -15.84
CA SER A 521 -15.26 4.78 -16.76
C SER A 521 -14.02 3.94 -16.50
N THR A 522 -13.86 3.45 -15.26
CA THR A 522 -12.69 2.61 -14.94
C THR A 522 -12.74 1.32 -15.77
N PHE A 523 -13.96 0.88 -16.07
CA PHE A 523 -14.17 -0.41 -16.71
C PHE A 523 -14.62 -0.25 -18.14
N GLY A 524 -14.30 0.89 -18.75
CA GLY A 524 -14.66 1.05 -20.16
C GLY A 524 -16.10 1.47 -20.37
N GLY A 525 -16.77 1.89 -19.31
CA GLY A 525 -18.13 2.39 -19.43
C GLY A 525 -19.15 1.46 -18.78
N GLU A 526 -20.43 1.76 -18.95
CA GLU A 526 -21.50 1.02 -18.24
C GLU A 526 -21.53 -0.44 -18.66
N VAL A 527 -21.22 -0.71 -19.91
CA VAL A 527 -21.15 -2.10 -20.37
C VAL A 527 -20.12 -2.93 -19.56
N GLY A 528 -18.91 -2.41 -19.39
CA GLY A 528 -17.90 -3.13 -18.59
C GLY A 528 -18.28 -3.23 -17.12
N PHE A 529 -18.90 -2.17 -16.62
CA PHE A 529 -19.21 -2.07 -15.20
C PHE A 529 -20.27 -3.12 -14.89
N LYS A 530 -21.21 -3.27 -15.83
CA LYS A 530 -22.27 -4.27 -15.71
C LYS A 530 -21.74 -5.72 -15.71
N ILE A 531 -20.65 -5.96 -16.44
CA ILE A 531 -20.07 -7.31 -16.46
C ILE A 531 -19.67 -7.68 -15.04
N ILE A 532 -19.05 -6.72 -14.35
CA ILE A 532 -18.70 -6.98 -12.96
C ILE A 532 -19.93 -7.20 -12.07
N ASN A 533 -20.88 -6.28 -12.16
CA ASN A 533 -21.96 -6.25 -11.17
C ASN A 533 -23.05 -7.28 -11.43
N THR A 534 -22.95 -8.00 -12.56
CA THR A 534 -23.83 -9.13 -12.83
C THR A 534 -23.12 -10.49 -12.87
N ALA A 535 -21.84 -10.51 -12.51
CA ALA A 535 -21.05 -11.73 -12.58
C ALA A 535 -21.58 -12.79 -11.59
N SER A 536 -21.45 -14.06 -11.95
CA SER A 536 -21.83 -15.17 -11.08
C SER A 536 -21.08 -16.40 -11.56
N ILE A 537 -20.97 -17.39 -10.70
CA ILE A 537 -20.29 -18.60 -11.14
C ILE A 537 -21.11 -19.22 -12.28
N GLN A 538 -22.44 -19.15 -12.20
CA GLN A 538 -23.21 -19.72 -13.33
C GLN A 538 -22.95 -18.98 -14.64
N SER A 539 -22.87 -17.64 -14.61
CA SER A 539 -22.71 -16.92 -15.89
C SER A 539 -21.29 -17.08 -16.42
N LEU A 540 -20.31 -17.18 -15.52
CA LEU A 540 -18.91 -17.45 -15.92
C LEU A 540 -18.83 -18.75 -16.74
N ILE A 541 -19.52 -19.76 -16.24
CA ILE A 541 -19.54 -21.05 -16.96
C ILE A 541 -20.40 -20.93 -18.21
N CYS A 542 -21.55 -20.28 -18.06
CA CYS A 542 -22.48 -20.24 -19.20
C CYS A 542 -21.86 -19.51 -20.39
N ASN A 543 -21.12 -18.43 -20.11
CA ASN A 543 -20.52 -17.65 -21.19
C ASN A 543 -19.35 -18.35 -21.86
N ASN A 544 -18.71 -19.29 -21.15
CA ASN A 544 -17.39 -19.76 -21.59
C ASN A 544 -17.25 -21.24 -21.80
N VAL A 545 -18.32 -21.98 -21.55
CA VAL A 545 -18.24 -23.44 -21.68
C VAL A 545 -19.33 -23.88 -22.64
N LYS A 546 -18.96 -24.69 -23.62
CA LYS A 546 -19.91 -25.10 -24.66
C LYS A 546 -21.13 -25.76 -24.02
N GLY A 547 -22.30 -25.34 -24.50
CA GLY A 547 -23.56 -25.96 -24.06
C GLY A 547 -24.15 -25.28 -22.85
N CYS A 548 -23.44 -24.29 -22.29
CA CYS A 548 -23.89 -23.62 -21.06
C CYS A 548 -24.44 -24.58 -20.00
N PRO A 549 -23.62 -25.50 -19.51
CA PRO A 549 -24.15 -26.46 -18.52
C PRO A 549 -24.53 -25.74 -17.21
N PHE A 550 -25.51 -26.24 -16.49
CA PHE A 550 -25.80 -25.74 -15.16
C PHE A 550 -24.60 -25.96 -14.23
N THR A 551 -24.31 -25.00 -13.38
CA THR A 551 -23.33 -25.25 -12.32
C THR A 551 -23.67 -24.48 -11.07
N SER A 552 -23.02 -24.87 -9.97
CA SER A 552 -23.12 -24.12 -8.73
C SER A 552 -22.11 -24.74 -7.79
N PHE A 553 -21.98 -24.18 -6.59
CA PHE A 553 -20.99 -24.70 -5.65
C PHE A 553 -21.60 -25.77 -4.73
N ASN A 554 -22.86 -26.12 -4.93
CA ASN A 554 -23.43 -27.19 -4.10
C ASN A 554 -23.96 -28.28 -4.98
N VAL A 555 -23.91 -29.54 -4.51
CA VAL A 555 -24.42 -30.67 -5.29
C VAL A 555 -25.94 -30.63 -5.37
N HIS B 5 -7.39 12.18 -33.90
CA HIS B 5 -6.71 12.25 -32.59
C HIS B 5 -7.65 11.87 -31.44
N HIS B 6 -7.07 11.56 -30.30
CA HIS B 6 -7.86 11.16 -29.13
C HIS B 6 -8.94 12.21 -28.80
N PRO B 7 -10.19 11.78 -28.70
CA PRO B 7 -11.24 12.80 -28.53
C PRO B 7 -11.25 13.45 -27.14
N CYS B 8 -10.45 12.94 -26.20
CA CYS B 8 -10.33 13.63 -24.92
C CYS B 8 -9.18 14.63 -24.91
N CYS B 9 -8.52 14.84 -26.05
CA CYS B 9 -7.37 15.74 -26.13
C CYS B 9 -7.65 17.16 -25.61
N SER B 10 -8.87 17.66 -25.80
CA SER B 10 -9.23 19.01 -25.37
C SER B 10 -9.48 19.12 -23.85
N ASN B 11 -9.36 17.99 -23.14
CA ASN B 11 -9.67 17.92 -21.70
C ASN B 11 -11.08 18.44 -21.40
N PRO B 12 -12.09 17.86 -22.07
CA PRO B 12 -13.42 18.47 -22.02
C PRO B 12 -14.13 18.33 -20.67
N CYS B 13 -13.82 17.28 -19.91
CA CYS B 13 -14.57 17.02 -18.66
C CYS B 13 -14.05 17.91 -17.55
N GLN B 14 -14.96 18.60 -16.88
CA GLN B 14 -14.59 19.50 -15.80
C GLN B 14 -14.85 18.88 -14.44
N ASN B 15 -14.36 19.54 -13.39
CA ASN B 15 -14.73 19.24 -12.01
C ASN B 15 -14.41 17.79 -11.60
N ARG B 16 -13.28 17.30 -12.08
CA ARG B 16 -12.76 15.95 -11.82
C ARG B 16 -13.57 14.83 -12.47
N GLY B 17 -14.46 15.19 -13.40
CA GLY B 17 -15.14 14.18 -14.20
C GLY B 17 -14.09 13.48 -15.07
N GLU B 18 -14.34 12.21 -15.39
CA GLU B 18 -13.34 11.42 -16.10
C GLU B 18 -13.76 11.22 -17.54
N CYS B 19 -12.81 11.46 -18.45
CA CYS B 19 -13.09 11.46 -19.88
C CYS B 19 -12.73 10.09 -20.44
N MET B 20 -13.60 9.57 -21.29
CA MET B 20 -13.36 8.27 -21.91
C MET B 20 -13.74 8.41 -23.36
N SER B 21 -12.95 7.89 -24.29
CA SER B 21 -13.39 7.92 -25.69
C SER B 21 -14.52 6.92 -25.92
N THR B 22 -15.44 7.22 -26.83
CA THR B 22 -16.53 6.28 -27.09
C THR B 22 -16.66 6.01 -28.57
N GLY B 23 -15.58 6.24 -29.30
CA GLY B 23 -15.54 6.05 -30.74
C GLY B 23 -14.36 6.90 -31.15
N PHE B 24 -14.05 6.96 -32.43
CA PHE B 24 -12.85 7.71 -32.82
C PHE B 24 -13.00 9.21 -32.58
N ASP B 25 -14.22 9.71 -32.63
CA ASP B 25 -14.45 11.16 -32.63
C ASP B 25 -15.34 11.65 -31.50
N GLN B 26 -15.62 10.78 -30.53
CA GLN B 26 -16.62 11.08 -29.50
C GLN B 26 -16.08 10.69 -28.14
N TYR B 27 -16.51 11.40 -27.10
CA TYR B 27 -16.13 11.07 -25.74
C TYR B 27 -17.37 11.08 -24.87
N LYS B 28 -17.22 10.56 -23.66
CA LYS B 28 -18.23 10.68 -22.62
C LYS B 28 -17.52 11.00 -21.31
N CYS B 29 -18.13 11.85 -20.49
CA CYS B 29 -17.60 12.21 -19.19
C CYS B 29 -18.33 11.44 -18.13
N ASP B 30 -17.54 10.86 -17.23
CA ASP B 30 -18.06 10.14 -16.09
C ASP B 30 -18.07 11.11 -14.91
N CYS B 31 -19.29 11.53 -14.54
CA CYS B 31 -19.48 12.56 -13.54
C CYS B 31 -19.67 12.01 -12.13
N THR B 32 -19.50 10.69 -11.99
CA THR B 32 -19.69 10.04 -10.69
C THR B 32 -19.01 10.76 -9.51
N ARG B 33 -19.81 11.08 -8.51
CA ARG B 33 -19.39 11.69 -7.26
C ARG B 33 -18.63 13.02 -7.41
N THR B 34 -18.76 13.67 -8.56
CA THR B 34 -18.15 15.00 -8.74
C THR B 34 -19.02 16.11 -8.13
N GLY B 35 -20.31 15.84 -7.97
CA GLY B 35 -21.26 16.85 -7.55
C GLY B 35 -21.77 17.70 -8.69
N PHE B 36 -21.35 17.33 -9.90
CA PHE B 36 -21.87 17.95 -11.12
C PHE B 36 -22.43 16.87 -12.06
N TYR B 37 -23.19 17.30 -13.05
CA TYR B 37 -23.66 16.41 -14.10
C TYR B 37 -23.68 17.18 -15.42
N GLY B 38 -24.24 16.58 -16.44
CA GLY B 38 -24.27 17.18 -17.76
C GLY B 38 -23.10 16.63 -18.57
N GLU B 39 -23.10 16.93 -19.86
CA GLU B 39 -22.14 16.39 -20.82
C GLU B 39 -20.68 16.56 -20.39
N ASN B 40 -20.36 17.69 -19.76
CA ASN B 40 -18.98 17.99 -19.39
C ASN B 40 -18.77 18.09 -17.89
N CYS B 41 -19.77 17.62 -17.13
CA CYS B 41 -19.75 17.68 -15.67
C CYS B 41 -19.65 19.14 -15.24
N THR B 42 -20.44 20.03 -15.84
CA THR B 42 -20.42 21.44 -15.45
C THR B 42 -21.71 21.93 -14.83
N THR B 43 -22.75 21.10 -14.83
CA THR B 43 -24.01 21.50 -14.19
C THR B 43 -24.01 21.09 -12.72
N PRO B 44 -24.00 22.06 -11.80
CA PRO B 44 -23.88 21.72 -10.37
C PRO B 44 -25.17 21.16 -9.79
N GLU B 45 -25.06 20.12 -8.97
CA GLU B 45 -26.21 19.70 -8.14
C GLU B 45 -26.52 20.82 -7.13
N PHE B 46 -27.70 20.81 -6.52
CA PHE B 46 -28.09 21.94 -5.66
C PHE B 46 -27.17 22.08 -4.44
N LEU B 47 -26.89 20.97 -3.77
CA LEU B 47 -25.92 20.92 -2.69
C LEU B 47 -24.60 21.56 -3.09
N THR B 48 -24.14 21.20 -4.29
CA THR B 48 -22.90 21.71 -4.84
C THR B 48 -22.97 23.22 -4.99
N ARG B 49 -24.12 23.70 -5.48
CA ARG B 49 -24.34 25.13 -5.57
C ARG B 49 -24.16 25.78 -4.21
N ILE B 50 -24.68 25.13 -3.18
CA ILE B 50 -24.62 25.72 -1.85
C ILE B 50 -23.18 25.73 -1.35
N LYS B 51 -22.46 24.64 -1.58
CA LYS B 51 -21.07 24.55 -1.14
C LYS B 51 -20.23 25.64 -1.79
N LEU B 52 -20.35 25.79 -3.10
CA LEU B 52 -19.54 26.77 -3.82
C LEU B 52 -19.82 28.20 -3.39
N LEU B 53 -21.02 28.40 -2.84
CA LEU B 53 -21.44 29.69 -2.33
C LEU B 53 -20.72 30.06 -1.04
N LEU B 54 -20.57 29.09 -0.15
CA LEU B 54 -19.95 29.32 1.15
C LEU B 54 -18.47 28.98 1.19
N LYS B 55 -17.88 28.71 0.03
CA LYS B 55 -16.47 28.31 -0.01
C LYS B 55 -15.57 29.53 -0.17
N PRO B 56 -14.76 29.84 0.85
CA PRO B 56 -13.78 30.91 0.71
C PRO B 56 -12.65 30.50 -0.25
N THR B 57 -12.04 31.48 -0.93
CA THR B 57 -10.95 31.18 -1.85
C THR B 57 -9.68 30.84 -1.09
N PRO B 58 -8.71 30.19 -1.77
CA PRO B 58 -7.46 29.96 -1.05
C PRO B 58 -6.79 31.27 -0.61
N ASN B 59 -6.89 32.32 -1.42
CA ASN B 59 -6.29 33.61 -1.05
C ASN B 59 -6.95 34.25 0.18
N THR B 60 -8.25 34.03 0.33
CA THR B 60 -8.97 34.51 1.51
C THR B 60 -8.50 33.80 2.78
N VAL B 61 -8.41 32.48 2.70
CA VAL B 61 -8.00 31.67 3.85
C VAL B 61 -6.56 31.97 4.25
N HIS B 62 -5.70 32.15 3.25
CA HIS B 62 -4.33 32.58 3.49
C HIS B 62 -4.28 33.91 4.22
N TYR B 63 -5.11 34.87 3.80
CA TYR B 63 -5.15 36.17 4.45
C TYR B 63 -5.45 35.98 5.94
N ILE B 64 -6.50 35.22 6.23
CA ILE B 64 -6.94 34.98 7.61
C ILE B 64 -5.86 34.31 8.44
N LEU B 65 -5.16 33.35 7.85
CA LEU B 65 -4.14 32.60 8.57
C LEU B 65 -2.87 33.41 8.78
N THR B 66 -2.68 34.48 8.00
CA THR B 66 -1.46 35.32 8.13
C THR B 66 -1.71 36.70 8.72
N HIS B 67 -2.93 36.92 9.18
CA HIS B 67 -3.23 38.16 9.92
C HIS B 67 -3.83 37.80 11.26
N PHE B 68 -4.22 38.82 12.02
CA PHE B 68 -4.83 38.62 13.33
C PHE B 68 -3.93 37.83 14.25
N LYS B 69 -2.65 38.20 14.32
CA LYS B 69 -1.66 37.46 15.09
C LYS B 69 -2.02 37.32 16.57
N GLY B 70 -2.64 38.36 17.13
CA GLY B 70 -3.05 38.34 18.52
C GLY B 70 -4.13 37.31 18.80
N VAL B 71 -5.05 37.15 17.85
CA VAL B 71 -6.11 36.15 17.97
C VAL B 71 -5.54 34.74 17.88
N TRP B 72 -4.71 34.50 16.87
CA TRP B 72 -4.08 33.20 16.71
C TRP B 72 -3.24 32.84 17.94
N ASN B 73 -2.63 33.85 18.56
CA ASN B 73 -1.89 33.62 19.82
C ASN B 73 -2.78 33.02 20.90
N ILE B 74 -4.02 33.49 20.97
CA ILE B 74 -5.02 32.92 21.87
C ILE B 74 -5.34 31.48 21.46
N VAL B 75 -5.72 31.30 20.20
CA VAL B 75 -6.05 29.99 19.65
C VAL B 75 -4.95 28.95 19.90
N ASN B 76 -3.70 29.33 19.65
CA ASN B 76 -2.58 28.42 19.83
C ASN B 76 -2.40 27.95 21.27
N ASN B 77 -3.02 28.66 22.20
CA ASN B 77 -2.93 28.32 23.61
C ASN B 77 -4.19 27.65 24.16
N ILE B 78 -5.13 27.31 23.27
CA ILE B 78 -6.29 26.52 23.66
C ILE B 78 -6.22 25.18 22.95
N PRO B 79 -5.70 24.16 23.63
CA PRO B 79 -5.43 22.88 22.96
C PRO B 79 -6.63 22.30 22.20
N PHE B 80 -7.83 22.37 22.78
CA PHE B 80 -9.04 21.96 22.07
C PHE B 80 -9.19 22.67 20.73
N LEU B 81 -9.00 24.00 20.74
CA LEU B 81 -9.19 24.82 19.55
C LEU B 81 -8.09 24.55 18.53
N ARG B 82 -6.86 24.54 19.00
CA ARG B 82 -5.74 24.21 18.16
C ARG B 82 -5.97 22.86 17.45
N SER B 83 -6.51 21.88 18.17
CA SER B 83 -6.71 20.54 17.61
C SER B 83 -7.76 20.56 16.51
N LEU B 84 -8.86 21.25 16.79
CA LEU B 84 -9.98 21.36 15.87
C LEU B 84 -9.53 21.92 14.53
N ILE B 85 -8.79 23.02 14.59
CA ILE B 85 -8.31 23.67 13.39
C ILE B 85 -7.25 22.84 12.67
N MET B 86 -6.34 22.22 13.42
CA MET B 86 -5.36 21.34 12.76
C MET B 86 -6.08 20.17 12.07
N LYS B 87 -7.09 19.61 12.73
CA LYS B 87 -7.87 18.53 12.12
C LYS B 87 -8.47 18.96 10.77
N TYR B 88 -9.03 20.16 10.73
CA TYR B 88 -9.58 20.71 9.49
C TYR B 88 -8.52 20.86 8.39
N VAL B 89 -7.35 21.40 8.77
CA VAL B 89 -6.22 21.54 7.85
C VAL B 89 -5.87 20.21 7.19
N LEU B 90 -5.83 19.15 8.00
CA LEU B 90 -5.42 17.83 7.51
C LEU B 90 -6.47 17.22 6.58
N THR B 91 -7.74 17.33 6.97
CA THR B 91 -8.80 16.65 6.24
C THR B 91 -9.14 17.33 4.92
N SER B 92 -9.27 18.66 4.92
CA SER B 92 -9.61 19.39 3.69
C SER B 92 -8.57 19.27 2.57
N ARG B 93 -7.29 19.25 2.93
CA ARG B 93 -6.22 19.09 1.94
C ARG B 93 -6.26 17.67 1.36
N SER B 94 -6.60 16.71 2.21
CA SER B 94 -6.51 15.29 1.88
C SER B 94 -7.29 14.88 0.62
N TYR B 95 -8.57 15.23 0.59
CA TYR B 95 -9.49 14.94 -0.50
C TYR B 95 -8.99 15.23 -1.95
N LEU B 96 -7.95 16.04 -2.11
CA LEU B 96 -7.47 16.42 -3.44
C LEU B 96 -6.56 15.36 -4.05
N ILE B 97 -6.11 14.39 -3.24
CA ILE B 97 -5.12 13.42 -3.70
C ILE B 97 -5.81 12.09 -3.91
N ASP B 98 -5.63 11.46 -5.08
CA ASP B 98 -6.19 10.13 -5.35
C ASP B 98 -5.38 9.11 -4.55
N SER B 99 -6.06 8.36 -3.69
CA SER B 99 -5.39 7.38 -2.86
C SER B 99 -6.35 6.24 -2.55
N PRO B 100 -6.13 5.01 -3.08
CA PRO B 100 -5.05 4.50 -3.94
C PRO B 100 -4.85 5.32 -5.21
N PRO B 101 -3.61 5.36 -5.70
CA PRO B 101 -3.24 6.21 -6.83
C PRO B 101 -3.77 5.69 -8.15
N THR B 102 -3.73 6.55 -9.17
CA THR B 102 -4.38 6.24 -10.42
C THR B 102 -3.39 6.27 -11.60
N TYR B 103 -3.25 7.42 -12.25
CA TYR B 103 -2.52 7.52 -13.51
C TYR B 103 -1.02 7.54 -13.35
N ASN B 104 -0.31 7.30 -14.45
CA ASN B 104 1.12 7.60 -14.48
C ASN B 104 1.55 7.97 -15.89
N VAL B 105 2.86 8.11 -16.15
CA VAL B 105 3.30 8.66 -17.44
C VAL B 105 2.84 7.77 -18.61
N HIS B 106 2.67 6.48 -18.38
CA HIS B 106 2.29 5.57 -19.46
C HIS B 106 0.81 5.21 -19.50
N TYR B 107 0.04 5.63 -18.49
CA TYR B 107 -1.36 5.23 -18.39
C TYR B 107 -2.20 6.45 -18.08
N GLY B 108 -2.93 6.91 -19.08
CA GLY B 108 -3.89 7.99 -18.89
C GLY B 108 -5.28 7.46 -18.54
N TYR B 109 -5.38 6.14 -18.30
CA TYR B 109 -6.60 5.49 -17.82
C TYR B 109 -6.13 4.61 -16.65
N LYS B 110 -7.03 4.29 -15.72
CA LYS B 110 -6.67 3.43 -14.59
C LYS B 110 -6.35 2.03 -15.07
N SER B 111 -5.34 1.42 -14.47
CA SER B 111 -4.99 0.05 -14.85
C SER B 111 -4.26 -0.61 -13.70
N TRP B 112 -4.28 -1.94 -13.70
CA TRP B 112 -3.57 -2.68 -12.67
C TRP B 112 -2.07 -2.34 -12.78
N GLU B 113 -1.60 -2.15 -14.01
CA GLU B 113 -0.18 -1.86 -14.18
C GLU B 113 0.17 -0.51 -13.49
N ALA B 114 -0.66 0.52 -13.67
CA ALA B 114 -0.35 1.81 -13.07
C ALA B 114 -0.56 1.71 -11.57
N PHE B 115 -1.59 0.99 -11.13
CA PHE B 115 -1.73 0.81 -9.68
C PHE B 115 -0.53 0.08 -9.05
N SER B 116 -0.14 -1.07 -9.62
CA SER B 116 0.76 -1.98 -8.91
C SER B 116 2.26 -1.68 -9.07
N ASN B 117 2.63 -1.00 -10.14
CA ASN B 117 4.04 -0.87 -10.45
C ASN B 117 4.63 0.34 -9.72
N LEU B 118 5.32 0.07 -8.63
CA LEU B 118 5.91 1.13 -7.79
C LEU B 118 7.09 1.88 -8.40
N SER B 119 7.64 1.38 -9.52
CA SER B 119 8.72 2.12 -10.18
C SER B 119 8.31 3.44 -10.81
N TYR B 120 7.01 3.61 -11.03
CA TYR B 120 6.48 4.87 -11.58
C TYR B 120 6.21 5.90 -10.49
N TYR B 121 6.52 7.17 -10.76
CA TYR B 121 5.79 8.22 -10.09
C TYR B 121 4.33 8.15 -10.52
N THR B 122 3.40 8.47 -9.62
CA THR B 122 2.01 8.56 -10.06
C THR B 122 1.76 9.95 -10.67
N ARG B 123 0.56 10.18 -11.17
CA ARG B 123 0.22 11.43 -11.82
C ARG B 123 -1.09 11.95 -11.30
N ALA B 124 -1.09 13.22 -10.89
CA ALA B 124 -2.27 13.90 -10.43
C ALA B 124 -3.22 14.16 -11.60
N LEU B 125 -2.66 14.45 -12.77
CA LEU B 125 -3.44 14.52 -13.98
C LEU B 125 -2.84 13.56 -15.01
N PRO B 126 -3.68 12.90 -15.79
CA PRO B 126 -3.12 12.03 -16.81
C PRO B 126 -2.32 12.78 -17.87
N PRO B 127 -1.36 12.10 -18.53
CA PRO B 127 -0.61 12.77 -19.60
C PRO B 127 -1.51 13.10 -20.76
N VAL B 128 -1.15 14.16 -21.48
CA VAL B 128 -1.77 14.49 -22.74
C VAL B 128 -1.53 13.32 -23.69
N ALA B 129 -2.56 12.89 -24.43
CA ALA B 129 -2.44 11.70 -25.27
C ALA B 129 -1.38 11.91 -26.35
N ASP B 130 -0.76 10.81 -26.79
CA ASP B 130 0.37 10.87 -27.76
C ASP B 130 -0.02 11.51 -29.09
N ASP B 131 -1.24 11.31 -29.53
CA ASP B 131 -1.62 11.84 -30.83
C ASP B 131 -2.33 13.21 -30.81
N CYS B 132 -2.33 13.92 -29.69
CA CYS B 132 -3.00 15.22 -29.65
C CYS B 132 -2.34 16.20 -30.61
N PRO B 133 -3.13 17.11 -31.21
CA PRO B 133 -2.53 17.95 -32.26
C PRO B 133 -1.58 19.02 -31.71
N THR B 134 -1.71 19.41 -30.45
CA THR B 134 -0.76 20.35 -29.82
C THR B 134 -0.21 19.72 -28.52
N PRO B 135 0.92 20.24 -28.03
CA PRO B 135 1.48 19.69 -26.80
C PRO B 135 0.49 19.73 -25.62
N MET B 136 -0.32 20.77 -25.51
CA MET B 136 -1.24 20.86 -24.36
C MET B 136 -2.63 20.24 -24.64
N GLY B 137 -2.82 19.70 -25.84
CA GLY B 137 -4.05 19.01 -26.17
C GLY B 137 -4.54 19.49 -27.52
N VAL B 138 -5.36 20.54 -27.52
CA VAL B 138 -5.75 21.16 -28.79
C VAL B 138 -5.42 22.66 -28.81
N LYS B 139 -5.20 23.27 -27.66
CA LYS B 139 -4.87 24.73 -27.61
C LYS B 139 -3.40 25.05 -27.94
N GLY B 140 -3.11 26.29 -28.33
CA GLY B 140 -1.74 26.72 -28.51
C GLY B 140 -1.16 26.42 -29.87
N ASN B 141 0.13 26.74 -30.05
CA ASN B 141 0.80 26.43 -31.30
C ASN B 141 1.21 24.97 -31.35
N LYS B 142 1.62 24.51 -32.53
CA LYS B 142 2.00 23.11 -32.74
C LYS B 142 3.19 22.71 -31.86
N GLU B 143 4.05 23.66 -31.53
CA GLU B 143 5.11 23.37 -30.57
C GLU B 143 5.13 24.41 -29.46
N LEU B 144 5.51 23.98 -28.26
CA LEU B 144 5.72 24.92 -27.16
C LEU B 144 6.93 25.82 -27.45
N PRO B 145 7.02 26.98 -26.77
CA PRO B 145 8.16 27.84 -27.07
C PRO B 145 9.46 27.16 -26.64
N ASP B 146 10.54 27.57 -27.29
CA ASP B 146 11.87 27.12 -26.95
C ASP B 146 12.10 27.24 -25.43
N SER B 147 12.49 26.14 -24.80
CA SER B 147 12.64 26.18 -23.35
C SER B 147 13.82 27.06 -22.93
N LYS B 148 14.83 27.19 -23.79
CA LYS B 148 15.93 28.13 -23.53
C LYS B 148 15.45 29.58 -23.47
N GLU B 149 14.55 29.95 -24.38
CA GLU B 149 13.97 31.29 -24.40
C GLU B 149 13.11 31.55 -23.15
N VAL B 150 12.26 30.59 -22.76
CA VAL B 150 11.50 30.73 -21.54
C VAL B 150 12.44 30.95 -20.35
N LEU B 151 13.42 30.07 -20.23
CA LEU B 151 14.41 30.14 -19.17
C LEU B 151 15.12 31.51 -19.12
N GLU B 152 15.65 31.93 -20.27
CA GLU B 152 16.50 33.11 -20.32
C GLU B 152 15.68 34.36 -20.06
N LYS B 153 14.45 34.38 -20.58
CA LYS B 153 13.62 35.57 -20.51
C LYS B 153 13.02 35.78 -19.11
N VAL B 154 12.55 34.71 -18.47
CA VAL B 154 11.77 34.93 -17.27
C VAL B 154 12.23 34.12 -16.07
N LEU B 155 13.20 33.22 -16.26
CA LEU B 155 13.63 32.39 -15.12
C LEU B 155 15.04 32.71 -14.57
N LEU B 156 15.98 33.08 -15.43
CA LEU B 156 17.35 33.27 -14.96
C LEU B 156 17.50 34.51 -14.08
N ARG B 157 18.27 34.33 -13.01
CA ARG B 157 18.57 35.39 -12.05
C ARG B 157 19.43 36.48 -12.67
N ARG B 158 18.98 37.73 -12.53
CA ARG B 158 19.85 38.86 -12.82
C ARG B 158 20.50 39.22 -11.49
N GLU B 159 19.85 40.07 -10.70
CA GLU B 159 20.27 40.26 -9.31
C GLU B 159 19.59 39.24 -8.36
N PHE B 160 20.35 38.71 -7.40
CA PHE B 160 19.80 37.82 -6.39
C PHE B 160 18.59 38.45 -5.70
N ILE B 161 17.46 37.74 -5.67
CA ILE B 161 16.27 38.21 -4.97
C ILE B 161 16.11 37.42 -3.68
N PRO B 162 16.30 38.06 -2.51
CA PRO B 162 16.20 37.24 -1.30
C PRO B 162 14.76 36.88 -0.97
N ASP B 163 14.56 35.75 -0.29
CA ASP B 163 13.24 35.38 0.20
C ASP B 163 12.78 36.36 1.27
N PRO B 164 11.66 37.05 1.02
CA PRO B 164 11.10 37.96 2.02
C PRO B 164 10.60 37.23 3.27
N GLN B 165 10.36 35.92 3.20
CA GLN B 165 9.95 35.17 4.39
C GLN B 165 11.18 34.79 5.23
N GLY B 166 12.36 35.14 4.74
CA GLY B 166 13.58 34.99 5.52
C GLY B 166 14.15 33.57 5.54
N SER B 167 13.71 32.72 4.63
CA SER B 167 14.24 31.34 4.58
C SER B 167 15.74 31.37 4.49
N ASN B 168 16.41 30.48 5.22
CA ASN B 168 17.87 30.45 5.23
C ASN B 168 18.44 29.18 4.59
N MET B 169 19.76 29.01 4.67
CA MET B 169 20.35 27.88 3.96
C MET B 169 20.12 26.59 4.76
N MET B 170 19.90 26.71 6.08
CA MET B 170 19.53 25.53 6.86
C MET B 170 18.22 25.01 6.27
N PHE B 171 17.35 25.94 5.91
CA PHE B 171 16.09 25.53 5.33
C PHE B 171 16.28 24.93 3.95
N ALA B 172 17.05 25.61 3.09
CA ALA B 172 17.22 25.12 1.72
C ALA B 172 17.86 23.74 1.68
N PHE B 173 18.89 23.50 2.49
CA PHE B 173 19.48 22.17 2.49
C PHE B 173 18.59 21.14 3.17
N PHE B 174 17.78 21.58 4.12
CA PHE B 174 16.85 20.63 4.73
C PHE B 174 15.81 20.19 3.68
N ALA B 175 15.30 21.15 2.92
CA ALA B 175 14.37 20.81 1.84
C ALA B 175 14.97 19.78 0.88
N GLN B 176 16.22 20.01 0.46
CA GLN B 176 16.85 19.12 -0.49
C GLN B 176 17.09 17.74 0.12
N HIS B 177 17.62 17.74 1.33
CA HIS B 177 17.98 16.50 2.00
C HIS B 177 16.68 15.68 2.25
N PHE B 178 15.69 16.32 2.85
CA PHE B 178 14.45 15.61 3.19
C PHE B 178 13.74 15.11 1.92
N THR B 179 13.53 15.99 0.94
CA THR B 179 12.77 15.53 -0.24
C THR B 179 13.54 14.52 -1.09
N HIS B 180 14.87 14.44 -1.00
CA HIS B 180 15.55 13.50 -1.87
C HIS B 180 15.47 12.05 -1.38
N GLN B 181 14.71 11.80 -0.32
CA GLN B 181 14.45 10.41 0.00
C GLN B 181 13.25 9.91 -0.83
N PHE B 182 12.41 10.81 -1.35
CA PHE B 182 11.29 10.28 -2.12
C PHE B 182 11.22 10.84 -3.53
N PHE B 183 12.02 11.87 -3.86
CA PHE B 183 12.24 12.21 -5.28
C PHE B 183 13.60 11.64 -5.67
N LYS B 184 13.60 10.47 -6.31
CA LYS B 184 14.84 9.79 -6.66
C LYS B 184 14.67 9.26 -8.07
N THR B 185 14.83 10.15 -9.03
CA THR B 185 14.40 9.82 -10.35
C THR B 185 15.33 8.75 -10.95
N ASP B 186 14.73 7.80 -11.64
CA ASP B 186 15.44 6.67 -12.19
C ASP B 186 15.77 6.99 -13.63
N HIS B 187 16.85 7.71 -13.86
CA HIS B 187 17.07 8.27 -15.20
C HIS B 187 17.35 7.20 -16.28
N LYS B 188 17.81 6.02 -15.90
CA LYS B 188 17.94 4.96 -16.90
C LYS B 188 16.58 4.56 -17.48
N ARG B 189 15.50 4.66 -16.69
CA ARG B 189 14.16 4.38 -17.21
C ARG B 189 13.48 5.62 -17.79
N GLY B 190 13.59 6.75 -17.11
CA GLY B 190 13.02 8.00 -17.62
C GLY B 190 12.53 8.88 -16.50
N PRO B 191 12.17 10.13 -16.80
CA PRO B 191 11.81 11.09 -15.74
C PRO B 191 10.53 10.71 -14.99
N GLY B 192 9.73 9.82 -15.58
CA GLY B 192 8.48 9.41 -14.96
C GLY B 192 8.67 8.22 -13.99
N PHE B 193 9.91 7.83 -13.76
CA PHE B 193 10.20 6.65 -12.90
C PHE B 193 11.01 7.05 -11.68
N THR B 194 10.82 6.32 -10.58
CA THR B 194 11.51 6.59 -9.32
C THR B 194 12.26 5.35 -8.84
N ARG B 195 13.37 5.57 -8.13
CA ARG B 195 14.06 4.51 -7.40
C ARG B 195 13.57 4.46 -5.96
N GLY B 196 12.72 5.42 -5.56
CA GLY B 196 12.23 5.47 -4.19
C GLY B 196 10.96 4.61 -4.01
N LEU B 197 11.12 3.30 -3.89
CA LEU B 197 9.94 2.42 -3.96
C LEU B 197 9.09 2.47 -2.71
N GLY B 198 9.64 3.05 -1.64
CA GLY B 198 8.88 3.30 -0.43
C GLY B 198 7.88 4.44 -0.59
N HIS B 199 8.08 5.28 -1.60
CA HIS B 199 7.15 6.37 -1.90
C HIS B 199 6.79 7.22 -0.69
N GLY B 200 7.77 7.61 0.11
CA GLY B 200 7.42 8.39 1.27
C GLY B 200 8.56 8.56 2.25
N VAL B 201 8.20 8.83 3.49
CA VAL B 201 9.19 9.14 4.52
C VAL B 201 9.60 7.83 5.19
N ASP B 202 10.52 7.11 4.54
CA ASP B 202 11.01 5.85 5.09
C ASP B 202 12.46 5.97 5.54
N LEU B 203 13.01 7.17 5.32
CA LEU B 203 14.40 7.49 5.68
C LEU B 203 15.41 6.61 4.95
N ASN B 204 15.09 6.23 3.73
CA ASN B 204 16.04 5.44 2.93
C ASN B 204 17.29 6.28 2.61
N HIS B 205 17.17 7.60 2.71
CA HIS B 205 18.34 8.48 2.43
C HIS B 205 19.36 8.46 3.57
N ILE B 206 18.96 7.87 4.70
CA ILE B 206 19.86 7.59 5.80
C ILE B 206 20.23 6.10 5.81
N TYR B 207 19.25 5.21 5.65
CA TYR B 207 19.48 3.78 5.90
C TYR B 207 19.70 2.97 4.63
N GLY B 208 19.45 3.57 3.47
CA GLY B 208 19.58 2.85 2.21
C GLY B 208 18.24 2.30 1.73
N GLU B 209 18.09 2.27 0.41
CA GLU B 209 16.86 1.80 -0.18
C GLU B 209 16.69 0.26 -0.07
N THR B 210 17.79 -0.48 -0.12
CA THR B 210 17.69 -1.95 -0.06
C THR B 210 18.34 -2.49 1.21
N LEU B 211 17.99 -3.73 1.53
CA LEU B 211 18.47 -4.37 2.75
C LEU B 211 19.99 -4.57 2.67
N ASP B 212 20.48 -4.95 1.49
CA ASP B 212 21.91 -5.11 1.25
C ASP B 212 22.66 -3.82 1.60
N ARG B 213 22.16 -2.71 1.11
CA ARG B 213 22.81 -1.43 1.40
C ARG B 213 22.70 -1.09 2.88
N GLN B 214 21.53 -1.31 3.46
CA GLN B 214 21.36 -1.06 4.89
C GLN B 214 22.36 -1.84 5.73
N HIS B 215 22.54 -3.11 5.39
CA HIS B 215 23.39 -3.95 6.20
C HIS B 215 24.83 -3.50 6.10
N LYS B 216 25.23 -3.01 4.93
CA LYS B 216 26.58 -2.45 4.77
C LYS B 216 26.81 -1.15 5.53
N LEU B 217 25.74 -0.39 5.76
CA LEU B 217 25.85 0.84 6.52
C LEU B 217 25.80 0.61 8.06
N ARG B 218 25.33 -0.56 8.48
CA ARG B 218 25.09 -0.79 9.91
C ARG B 218 26.32 -1.35 10.60
N LEU B 219 26.46 -0.98 11.88
CA LEU B 219 27.56 -1.45 12.70
C LEU B 219 27.30 -2.87 13.20
N PHE B 220 26.02 -3.24 13.34
CA PHE B 220 25.58 -4.50 13.97
C PHE B 220 26.02 -4.66 15.43
N LYS B 221 26.29 -3.54 16.09
CA LYS B 221 26.41 -3.53 17.54
C LYS B 221 25.53 -2.41 18.05
N ASP B 222 24.76 -2.66 19.11
CA ASP B 222 23.98 -1.60 19.77
C ASP B 222 22.96 -0.88 18.86
N GLY B 223 22.63 -1.48 17.72
CA GLY B 223 21.63 -0.91 16.84
C GLY B 223 22.16 0.17 15.90
N LYS B 224 23.46 0.42 15.98
CA LYS B 224 24.04 1.65 15.40
C LYS B 224 24.41 1.55 13.93
N LEU B 225 24.61 2.74 13.33
CA LEU B 225 25.18 2.89 12.01
C LEU B 225 26.68 3.02 12.13
N LYS B 226 27.40 2.50 11.16
CA LYS B 226 28.86 2.69 11.12
C LYS B 226 29.18 4.16 11.02
N TYR B 227 30.35 4.53 11.50
CA TYR B 227 30.78 5.93 11.47
C TYR B 227 32.31 5.97 11.51
N GLN B 228 32.87 7.16 11.32
CA GLN B 228 34.30 7.36 11.49
C GLN B 228 34.48 8.58 12.35
N VAL B 229 35.67 8.69 12.94
CA VAL B 229 36.00 9.83 13.77
C VAL B 229 37.12 10.58 13.06
N ILE B 230 36.88 11.84 12.72
CA ILE B 230 37.94 12.71 12.16
C ILE B 230 38.12 13.96 13.05
N GLY B 231 39.33 14.19 13.54
CA GLY B 231 39.63 15.27 14.48
C GLY B 231 38.65 15.25 15.67
N GLY B 232 38.33 14.05 16.14
CA GLY B 232 37.45 13.88 17.30
C GLY B 232 35.97 14.06 17.03
N GLU B 233 35.60 14.20 15.77
CA GLU B 233 34.21 14.38 15.36
C GLU B 233 33.69 13.18 14.60
N VAL B 234 32.43 12.83 14.83
CA VAL B 234 31.80 11.71 14.16
C VAL B 234 31.24 12.07 12.79
N TYR B 235 31.60 11.28 11.80
CA TYR B 235 31.14 11.47 10.42
C TYR B 235 30.70 10.14 9.82
N PRO B 236 30.00 10.19 8.69
CA PRO B 236 29.64 8.92 8.06
C PRO B 236 30.90 8.16 7.64
N PRO B 237 30.77 6.84 7.51
CA PRO B 237 31.95 6.05 7.16
C PRO B 237 32.31 6.24 5.69
N THR B 238 33.39 5.61 5.22
CA THR B 238 33.79 5.73 3.83
C THR B 238 33.23 4.64 2.93
N VAL B 239 33.22 4.92 1.62
CA VAL B 239 32.93 3.92 0.62
C VAL B 239 33.85 2.68 0.73
N LYS B 240 35.15 2.91 0.87
CA LYS B 240 36.12 1.81 1.03
C LYS B 240 35.76 0.91 2.20
N ASP B 241 35.47 1.53 3.35
CA ASP B 241 35.14 0.80 4.57
C ASP B 241 33.84 -0.03 4.47
N THR B 242 32.80 0.55 3.86
CA THR B 242 31.49 -0.07 3.82
C THR B 242 31.19 -0.87 2.53
N GLN B 243 31.91 -0.57 1.46
CA GLN B 243 31.58 -1.07 0.11
C GLN B 243 30.21 -0.58 -0.35
N VAL B 244 29.75 0.53 0.21
CA VAL B 244 28.50 1.17 -0.23
C VAL B 244 28.79 2.04 -1.47
N GLU B 245 28.08 1.83 -2.57
CA GLU B 245 28.33 2.68 -3.73
C GLU B 245 27.76 4.08 -3.54
N MET B 246 28.55 5.06 -3.96
CA MET B 246 28.18 6.48 -3.91
C MET B 246 28.60 7.09 -5.22
N ILE B 247 27.97 8.19 -5.60
CA ILE B 247 28.40 8.91 -6.79
C ILE B 247 29.42 9.96 -6.40
N TYR B 248 30.64 9.81 -6.88
CA TYR B 248 31.68 10.81 -6.68
C TYR B 248 32.49 10.94 -7.96
N PRO B 249 32.93 12.16 -8.29
CA PRO B 249 33.92 12.32 -9.34
C PRO B 249 35.19 11.56 -8.98
N PRO B 250 35.93 11.09 -10.01
CA PRO B 250 37.18 10.33 -9.85
C PRO B 250 38.22 10.99 -8.95
N HIS B 251 38.27 12.32 -8.92
CA HIS B 251 39.35 12.99 -8.20
C HIS B 251 39.12 13.07 -6.68
N ILE B 252 37.97 12.59 -6.19
CA ILE B 252 37.75 12.62 -4.76
C ILE B 252 38.58 11.52 -4.08
N PRO B 253 39.40 11.90 -3.09
CA PRO B 253 40.20 10.87 -2.40
C PRO B 253 39.36 9.94 -1.57
N GLU B 254 39.86 8.71 -1.45
CA GLU B 254 39.24 7.65 -0.65
C GLU B 254 38.72 8.16 0.69
N ASN B 255 39.52 8.93 1.40
CA ASN B 255 39.11 9.31 2.74
C ASN B 255 37.96 10.33 2.73
N LEU B 256 37.71 10.97 1.59
CA LEU B 256 36.60 11.93 1.50
C LEU B 256 35.36 11.37 0.82
N GLN B 257 35.38 10.08 0.50
CA GLN B 257 34.18 9.48 -0.11
C GLN B 257 33.27 8.95 0.97
N PHE B 258 32.47 9.84 1.56
CA PHE B 258 31.55 9.46 2.63
C PHE B 258 30.45 8.62 2.05
N ALA B 259 30.06 7.57 2.79
CA ALA B 259 29.00 6.65 2.38
C ALA B 259 27.75 6.85 3.24
N VAL B 260 26.63 7.22 2.62
CA VAL B 260 25.40 7.43 3.35
C VAL B 260 24.24 6.76 2.60
N GLY B 261 23.04 6.76 3.18
CA GLY B 261 21.91 6.09 2.57
C GLY B 261 21.64 6.43 1.10
N GLN B 262 21.69 7.72 0.79
CA GLN B 262 21.36 8.24 -0.54
C GLN B 262 22.65 8.44 -1.33
N GLU B 263 22.78 7.69 -2.41
CA GLU B 263 23.95 7.68 -3.30
C GLU B 263 24.43 9.08 -3.76
N VAL B 264 23.53 10.05 -3.86
CA VAL B 264 23.93 11.35 -4.41
C VAL B 264 24.34 12.39 -3.37
N PHE B 265 24.24 12.08 -2.08
CA PHE B 265 24.42 13.14 -1.08
C PHE B 265 25.89 13.57 -0.92
N GLY B 266 26.81 12.86 -1.56
CA GLY B 266 28.19 13.38 -1.61
C GLY B 266 28.34 14.60 -2.52
N LEU B 267 27.31 14.92 -3.31
CA LEU B 267 27.31 16.04 -4.27
C LEU B 267 27.53 17.42 -3.63
N VAL B 268 26.99 17.58 -2.42
CA VAL B 268 26.77 18.89 -1.83
C VAL B 268 27.11 18.84 -0.34
N PRO B 269 28.04 19.66 0.13
CA PRO B 269 28.40 19.57 1.55
C PRO B 269 27.20 19.89 2.50
N GLY B 270 26.27 20.71 2.05
CA GLY B 270 25.06 20.94 2.83
C GLY B 270 24.20 19.71 3.00
N LEU B 271 24.24 18.81 2.01
CA LEU B 271 23.53 17.56 2.15
C LEU B 271 24.30 16.66 3.10
N MET B 272 25.63 16.64 2.99
CA MET B 272 26.44 15.81 3.91
C MET B 272 26.32 16.29 5.35
N MET B 273 26.13 17.60 5.51
CA MET B 273 25.89 18.17 6.84
C MET B 273 24.69 17.49 7.47
N TYR B 274 23.55 17.49 6.79
CA TYR B 274 22.36 16.82 7.35
C TYR B 274 22.53 15.31 7.45
N ALA B 275 23.21 14.71 6.50
CA ALA B 275 23.45 13.26 6.58
C ALA B 275 24.24 12.93 7.86
N THR B 276 25.18 13.79 8.20
CA THR B 276 26.00 13.58 9.40
C THR B 276 25.17 13.82 10.65
N ILE B 277 24.36 14.88 10.64
CA ILE B 277 23.48 15.17 11.76
C ILE B 277 22.50 14.00 12.02
N TRP B 278 21.87 13.47 10.97
CA TRP B 278 20.93 12.39 11.15
C TRP B 278 21.62 11.09 11.55
N LEU B 279 22.82 10.85 11.03
CA LEU B 279 23.53 9.63 11.47
C LEU B 279 23.81 9.69 12.96
N ARG B 280 24.27 10.85 13.42
CA ARG B 280 24.51 11.05 14.84
C ARG B 280 23.24 10.85 15.62
N GLU B 281 22.13 11.35 15.08
CA GLU B 281 20.84 11.25 15.79
C GLU B 281 20.45 9.77 15.95
N HIS B 282 20.59 8.98 14.90
CA HIS B 282 20.28 7.56 14.99
C HIS B 282 21.06 6.91 16.12
N ASN B 283 22.35 7.19 16.17
CA ASN B 283 23.20 6.54 17.15
C ASN B 283 22.93 7.06 18.54
N ARG B 284 22.49 8.32 18.62
CA ARG B 284 22.06 8.88 19.91
C ARG B 284 20.81 8.17 20.44
N VAL B 285 19.83 7.98 19.57
CA VAL B 285 18.60 7.31 19.94
C VAL B 285 18.88 5.83 20.32
N CYS B 286 19.79 5.19 19.61
CA CYS B 286 20.29 3.86 20.02
C CYS B 286 20.79 3.84 21.45
N ASP B 287 21.61 4.84 21.84
CA ASP B 287 22.09 4.90 23.22
C ASP B 287 20.94 5.01 24.23
N ILE B 288 19.97 5.88 23.92
CA ILE B 288 18.81 6.06 24.79
C ILE B 288 18.01 4.76 24.91
N LEU B 289 17.75 4.12 23.77
CA LEU B 289 16.95 2.89 23.82
C LEU B 289 17.67 1.81 24.63
N LYS B 290 18.99 1.71 24.49
CA LYS B 290 19.75 0.68 25.23
C LYS B 290 19.67 0.90 26.73
N GLN B 291 19.69 2.17 27.14
CA GLN B 291 19.50 2.50 28.56
C GLN B 291 18.14 2.05 29.03
N GLU B 292 17.11 2.27 28.21
CA GLU B 292 15.75 1.82 28.55
C GLU B 292 15.61 0.30 28.49
N HIS B 293 16.36 -0.32 27.58
CA HIS B 293 16.20 -1.73 27.27
C HIS B 293 17.54 -2.44 27.22
N PRO B 294 18.16 -2.69 28.38
CA PRO B 294 19.44 -3.38 28.36
C PRO B 294 19.31 -4.79 27.80
N GLU B 295 18.08 -5.30 27.76
CA GLU B 295 17.83 -6.66 27.33
C GLU B 295 17.71 -6.76 25.80
N TRP B 296 17.55 -5.63 25.11
CA TRP B 296 17.34 -5.70 23.66
C TRP B 296 18.61 -6.04 22.86
N GLY B 297 18.45 -6.71 21.72
CA GLY B 297 19.58 -6.91 20.82
C GLY B 297 19.74 -5.81 19.76
N ASP B 298 20.75 -5.96 18.92
CA ASP B 298 21.07 -4.98 17.88
C ASP B 298 19.94 -4.75 16.90
N GLU B 299 19.25 -5.81 16.49
CA GLU B 299 18.26 -5.65 15.47
C GLU B 299 17.12 -4.79 15.97
N GLN B 300 16.62 -5.09 17.17
CA GLN B 300 15.49 -4.30 17.68
C GLN B 300 15.91 -2.87 18.00
N LEU B 301 17.14 -2.69 18.49
CA LEU B 301 17.63 -1.34 18.71
C LEU B 301 17.66 -0.56 17.40
N PHE B 302 18.18 -1.16 16.35
CA PHE B 302 18.28 -0.49 15.08
C PHE B 302 16.87 -0.18 14.55
N GLN B 303 15.96 -1.16 14.59
CA GLN B 303 14.63 -0.97 13.97
C GLN B 303 13.84 0.07 14.72
N THR B 304 13.89 0.03 16.05
CA THR B 304 13.12 0.94 16.84
C THR B 304 13.68 2.37 16.67
N SER B 305 14.99 2.50 16.61
CA SER B 305 15.58 3.81 16.38
C SER B 305 15.12 4.38 15.04
N ARG B 306 15.08 3.54 14.01
CA ARG B 306 14.58 3.98 12.72
C ARG B 306 13.16 4.49 12.79
N LEU B 307 12.27 3.77 13.46
CA LEU B 307 10.88 4.28 13.58
C LEU B 307 10.81 5.62 14.31
N ILE B 308 11.60 5.76 15.37
CA ILE B 308 11.67 7.03 16.10
C ILE B 308 12.17 8.16 15.17
N LEU B 309 13.21 7.90 14.38
CA LEU B 309 13.72 8.93 13.49
C LEU B 309 12.71 9.26 12.41
N ILE B 310 11.94 8.27 11.96
CA ILE B 310 10.87 8.60 11.01
C ILE B 310 9.86 9.53 11.72
N GLY B 311 9.49 9.19 12.95
CA GLY B 311 8.57 10.05 13.69
C GLY B 311 9.15 11.44 13.89
N GLU B 312 10.45 11.51 14.17
CA GLU B 312 11.09 12.81 14.40
C GLU B 312 11.05 13.65 13.15
N THR B 313 11.25 12.98 12.02
CA THR B 313 11.28 13.67 10.75
C THR B 313 9.93 14.27 10.43
N ILE B 314 8.85 13.49 10.63
CA ILE B 314 7.52 14.00 10.31
C ILE B 314 7.18 15.18 11.25
N LYS B 315 7.55 15.05 12.51
CA LYS B 315 7.33 16.08 13.53
C LYS B 315 7.97 17.40 13.11
N ILE B 316 9.24 17.33 12.72
CA ILE B 316 9.99 18.54 12.32
C ILE B 316 9.44 19.12 11.03
N VAL B 317 9.15 18.26 10.07
CA VAL B 317 8.63 18.76 8.82
C VAL B 317 7.31 19.54 9.03
N ILE B 318 6.43 19.02 9.86
CA ILE B 318 5.19 19.77 10.12
C ILE B 318 5.38 21.00 10.98
N GLU B 319 5.99 20.84 12.14
CA GLU B 319 5.97 21.93 13.13
C GLU B 319 7.06 22.95 12.96
N ASP B 320 8.11 22.62 12.19
CA ASP B 320 9.16 23.62 11.91
C ASP B 320 9.18 24.01 10.43
N TYR B 321 9.21 23.02 9.56
CA TYR B 321 9.44 23.28 8.13
C TYR B 321 8.21 23.81 7.41
N VAL B 322 7.12 23.06 7.46
CA VAL B 322 5.85 23.55 6.89
C VAL B 322 5.39 24.77 7.66
N GLN B 323 5.60 24.79 8.98
CA GLN B 323 5.27 25.97 9.76
C GLN B 323 5.95 27.24 9.22
N HIS B 324 7.25 27.14 8.96
CA HIS B 324 8.01 28.27 8.43
C HIS B 324 7.50 28.67 7.06
N LEU B 325 7.36 27.70 6.15
CA LEU B 325 6.92 27.99 4.81
C LEU B 325 5.56 28.64 4.74
N SER B 326 4.65 28.14 5.57
CA SER B 326 3.25 28.58 5.56
C SER B 326 3.13 30.07 5.80
N GLY B 327 3.94 30.59 6.72
CA GLY B 327 3.78 31.96 7.17
C GLY B 327 2.61 32.13 8.13
N TYR B 328 2.00 31.01 8.54
CA TYR B 328 0.81 31.08 9.40
C TYR B 328 1.14 31.50 10.83
N HIS B 329 0.26 32.28 11.44
CA HIS B 329 0.35 32.55 12.87
C HIS B 329 -0.21 31.38 13.67
N PHE B 330 -1.10 30.60 13.04
CA PHE B 330 -1.57 29.36 13.66
C PHE B 330 -0.40 28.36 13.76
N LYS B 331 -0.28 27.76 14.93
CA LYS B 331 0.78 26.79 15.23
C LYS B 331 0.34 25.36 14.82
N LEU B 332 0.87 24.89 13.70
CA LEU B 332 0.59 23.55 13.19
C LEU B 332 1.01 22.50 14.20
N LYS B 333 0.36 21.34 14.15
CA LYS B 333 0.57 20.29 15.16
C LYS B 333 0.77 18.94 14.47
N PHE B 334 1.82 18.22 14.84
CA PHE B 334 1.91 16.82 14.42
C PHE B 334 1.16 15.97 15.43
N ASP B 335 0.00 15.45 15.04
CA ASP B 335 -0.78 14.63 15.98
C ASP B 335 -1.63 13.64 15.21
N PRO B 336 -1.11 12.42 14.99
CA PRO B 336 -1.84 11.39 14.27
C PRO B 336 -3.24 11.14 14.82
N GLU B 337 -3.43 11.39 16.11
CA GLU B 337 -4.73 11.04 16.71
C GLU B 337 -5.87 11.89 16.11
N LEU B 338 -5.53 13.05 15.59
CA LEU B 338 -6.51 13.93 14.94
C LEU B 338 -7.26 13.21 13.82
N LEU B 339 -6.63 12.20 13.20
CA LEU B 339 -7.25 11.53 12.09
C LEU B 339 -8.00 10.26 12.49
N PHE B 340 -7.95 9.85 13.76
CA PHE B 340 -8.44 8.51 14.08
C PHE B 340 -9.97 8.38 13.94
N ASN B 341 -10.71 9.48 14.04
CA ASN B 341 -12.15 9.40 13.80
C ASN B 341 -12.54 9.92 12.40
N GLN B 342 -11.54 10.02 11.53
CA GLN B 342 -11.73 10.54 10.18
C GLN B 342 -11.50 9.45 9.13
N GLN B 343 -12.05 9.64 7.94
CA GLN B 343 -11.72 8.78 6.80
C GLN B 343 -10.39 9.24 6.24
N PHE B 344 -9.42 8.34 6.19
CA PHE B 344 -8.10 8.71 5.71
C PHE B 344 -7.37 7.45 5.34
N GLN B 345 -6.66 7.46 4.20
CA GLN B 345 -5.90 6.27 3.78
C GLN B 345 -4.43 6.35 4.18
N TYR B 346 -3.98 5.38 4.97
CA TYR B 346 -2.58 5.35 5.43
C TYR B 346 -1.69 4.72 4.39
N GLN B 347 -1.52 5.44 3.28
CA GLN B 347 -0.63 4.99 2.19
C GLN B 347 -0.33 6.24 1.35
N ASN B 348 0.71 6.17 0.54
CA ASN B 348 1.10 7.32 -0.28
C ASN B 348 1.81 6.81 -1.50
N ARG B 349 1.61 7.51 -2.62
CA ARG B 349 2.38 7.23 -3.84
C ARG B 349 2.88 8.59 -4.33
N ILE B 350 4.17 8.71 -4.62
CA ILE B 350 4.73 10.05 -4.92
C ILE B 350 4.32 10.47 -6.32
N ALA B 351 3.71 11.65 -6.44
CA ALA B 351 3.33 12.15 -7.77
C ALA B 351 4.46 12.86 -8.51
N SER B 352 4.57 12.62 -9.81
CA SER B 352 5.53 13.32 -10.67
C SER B 352 5.41 14.84 -10.52
N GLU B 353 4.17 15.33 -10.48
CA GLU B 353 3.98 16.77 -10.39
C GLU B 353 4.42 17.30 -9.03
N PHE B 354 4.35 16.48 -8.00
CA PHE B 354 4.87 16.86 -6.67
C PHE B 354 6.41 17.04 -6.75
N ASN B 355 7.05 16.12 -7.48
CA ASN B 355 8.50 16.24 -7.75
C ASN B 355 8.80 17.53 -8.51
N THR B 356 8.11 17.72 -9.63
CA THR B 356 8.31 18.91 -10.45
C THR B 356 8.09 20.22 -9.70
N LEU B 357 7.03 20.34 -8.91
CA LEU B 357 6.79 21.62 -8.24
C LEU B 357 7.90 21.88 -7.19
N TYR B 358 8.61 20.83 -6.76
CA TYR B 358 9.63 20.96 -5.74
C TYR B 358 11.01 21.30 -6.26
N HIS B 359 11.10 21.62 -7.55
CA HIS B 359 12.39 21.95 -8.14
C HIS B 359 12.67 23.42 -7.82
N TRP B 360 13.02 23.67 -6.55
CA TRP B 360 13.09 25.02 -6.04
C TRP B 360 14.49 25.58 -6.22
N HIS B 361 14.95 25.50 -7.45
N HIS B 361 15.01 25.57 -7.42
CA HIS B 361 16.23 26.07 -7.90
CA HIS B 361 16.37 26.05 -7.55
C HIS B 361 16.47 27.50 -7.39
C HIS B 361 16.56 27.58 -7.52
N PRO B 362 15.46 28.38 -7.49
CA PRO B 362 15.76 29.76 -7.04
C PRO B 362 16.16 29.89 -5.56
N LEU B 363 15.91 28.89 -4.71
CA LEU B 363 16.35 28.98 -3.31
C LEU B 363 17.84 29.21 -3.20
N LEU B 364 18.57 28.66 -4.17
CA LEU B 364 20.03 28.63 -4.10
C LEU B 364 20.63 30.03 -4.20
N PRO B 365 21.61 30.34 -3.32
CA PRO B 365 22.37 31.59 -3.33
C PRO B 365 23.37 31.64 -4.47
N ASP B 366 24.01 32.78 -4.67
CA ASP B 366 25.03 32.89 -5.70
C ASP B 366 26.33 32.26 -5.21
N THR B 367 26.55 32.34 -3.90
CA THR B 367 27.72 31.72 -3.27
C THR B 367 27.28 31.11 -1.97
N PHE B 368 28.08 30.18 -1.46
CA PHE B 368 27.79 29.49 -0.21
C PHE B 368 28.75 30.06 0.83
N ASN B 369 28.21 30.74 1.83
CA ASN B 369 29.03 31.58 2.69
C ASN B 369 29.21 30.95 4.06
N ILE B 370 30.39 30.40 4.30
CA ILE B 370 30.66 29.71 5.56
C ILE B 370 31.82 30.42 6.26
N GLU B 371 31.57 30.82 7.51
CA GLU B 371 32.53 31.59 8.28
C GLU B 371 32.86 32.83 7.46
N ASP B 372 34.13 33.05 7.17
CA ASP B 372 34.53 34.21 6.37
C ASP B 372 34.79 33.88 4.90
N GLN B 373 34.43 32.66 4.47
CA GLN B 373 34.62 32.28 3.06
C GLN B 373 33.34 32.41 2.24
N GLU B 374 33.48 32.66 0.95
CA GLU B 374 32.34 32.65 0.03
C GLU B 374 32.59 31.68 -1.12
N TYR B 375 32.03 30.49 -1.04
CA TYR B 375 32.34 29.48 -2.04
C TYR B 375 31.47 29.58 -3.28
N SER B 376 32.08 29.46 -4.45
CA SER B 376 31.36 29.42 -5.71
C SER B 376 30.70 28.06 -5.85
N PHE B 377 29.77 27.91 -6.78
CA PHE B 377 29.22 26.56 -7.02
C PHE B 377 30.32 25.55 -7.35
N LYS B 378 31.27 25.91 -8.22
CA LYS B 378 32.32 24.95 -8.58
C LYS B 378 33.21 24.60 -7.39
N GLN B 379 33.45 25.54 -6.48
CA GLN B 379 34.23 25.25 -5.28
C GLN B 379 33.45 24.38 -4.30
N PHE B 380 32.14 24.59 -4.27
CA PHE B 380 31.31 23.96 -3.25
C PHE B 380 30.92 22.54 -3.65
N LEU B 381 30.67 22.32 -4.92
CA LEU B 381 30.22 21.01 -5.40
C LEU B 381 31.24 19.89 -5.12
N TYR B 382 30.75 18.78 -4.57
CA TYR B 382 31.54 17.57 -4.39
C TYR B 382 32.72 17.78 -3.46
N ASN B 383 32.62 18.78 -2.62
CA ASN B 383 33.78 19.18 -1.84
C ASN B 383 33.55 19.04 -0.36
N ASN B 384 33.57 17.81 0.13
CA ASN B 384 33.40 17.57 1.56
C ASN B 384 34.57 18.03 2.40
N SER B 385 35.68 18.42 1.77
CA SER B 385 36.76 19.07 2.55
C SER B 385 36.28 20.33 3.27
N ILE B 386 35.33 21.03 2.66
CA ILE B 386 34.78 22.25 3.24
C ILE B 386 34.09 21.90 4.57
N LEU B 387 33.37 20.79 4.55
CA LEU B 387 32.70 20.34 5.77
C LEU B 387 33.74 20.04 6.87
N LEU B 388 34.84 19.36 6.49
CA LEU B 388 35.82 18.94 7.50
C LEU B 388 36.61 20.12 8.01
N GLU B 389 36.88 21.07 7.10
CA GLU B 389 37.60 22.28 7.42
C GLU B 389 36.86 23.17 8.43
N HIS B 390 35.59 23.45 8.18
CA HIS B 390 34.84 24.36 9.04
C HIS B 390 34.17 23.65 10.22
N GLY B 391 33.77 22.39 10.00
CA GLY B 391 33.07 21.61 11.00
C GLY B 391 31.59 21.91 11.01
N LEU B 392 30.80 21.01 11.60
CA LEU B 392 29.34 21.14 11.63
C LEU B 392 28.86 22.37 12.37
N THR B 393 29.52 22.70 13.48
CA THR B 393 29.05 23.84 14.26
C THR B 393 29.05 25.11 13.39
N GLN B 394 30.15 25.35 12.70
CA GLN B 394 30.28 26.53 11.83
C GLN B 394 29.34 26.46 10.63
N PHE B 395 29.14 25.27 10.08
CA PHE B 395 28.16 25.08 9.03
C PHE B 395 26.79 25.55 9.51
N VAL B 396 26.41 25.10 10.69
CA VAL B 396 25.10 25.45 11.22
C VAL B 396 25.01 26.93 11.51
N GLU B 397 26.03 27.50 12.17
CA GLU B 397 25.99 28.94 12.45
C GLU B 397 25.91 29.76 11.15
N SER B 398 26.67 29.34 10.13
CA SER B 398 26.71 30.08 8.87
C SER B 398 25.45 29.92 8.02
N PHE B 399 24.96 28.69 7.92
CA PHE B 399 23.83 28.48 7.05
C PHE B 399 22.56 29.00 7.72
N THR B 400 22.58 29.11 9.04
CA THR B 400 21.43 29.67 9.73
C THR B 400 21.34 31.17 9.40
N ARG B 401 22.48 31.82 9.19
CA ARG B 401 22.44 33.25 8.94
C ARG B 401 22.39 33.63 7.45
N GLN B 402 22.64 32.70 6.54
CA GLN B 402 22.63 33.05 5.11
C GLN B 402 21.23 32.95 4.49
N ILE B 403 20.77 34.04 3.89
CA ILE B 403 19.41 34.02 3.36
C ILE B 403 19.37 33.26 2.04
N ALA B 404 18.24 32.61 1.80
CA ALA B 404 17.98 31.91 0.56
C ALA B 404 17.19 32.75 -0.42
N GLY B 405 17.08 32.27 -1.66
CA GLY B 405 16.37 32.99 -2.70
C GLY B 405 14.85 32.80 -2.70
N ARG B 406 14.16 33.82 -3.21
CA ARG B 406 12.71 33.76 -3.43
C ARG B 406 12.40 32.82 -4.59
N VAL B 407 11.42 31.93 -4.40
CA VAL B 407 11.14 30.91 -5.43
C VAL B 407 10.15 31.42 -6.49
N ALA B 408 9.06 32.03 -6.03
CA ALA B 408 8.10 32.63 -6.95
C ALA B 408 8.56 34.03 -7.34
N GLY B 409 7.82 34.69 -8.23
CA GLY B 409 8.11 36.07 -8.61
C GLY B 409 9.07 36.29 -9.76
N GLY B 410 9.66 35.20 -10.27
CA GLY B 410 10.43 35.27 -11.50
C GLY B 410 11.90 35.65 -11.40
N ARG B 411 12.64 35.33 -12.47
CA ARG B 411 14.03 35.76 -12.65
C ARG B 411 14.91 35.58 -11.43
N ASN B 412 14.88 34.38 -10.87
CA ASN B 412 15.74 34.14 -9.72
C ASN B 412 16.40 32.74 -9.70
N VAL B 413 16.47 32.08 -10.85
CA VAL B 413 17.24 30.84 -10.95
C VAL B 413 18.72 31.16 -11.17
N PRO B 414 19.61 30.70 -10.25
CA PRO B 414 21.04 30.99 -10.45
C PRO B 414 21.52 30.39 -11.77
N ILE B 415 22.30 31.16 -12.50
CA ILE B 415 22.87 30.75 -13.77
C ILE B 415 23.68 29.47 -13.66
N ALA B 416 24.31 29.25 -12.51
CA ALA B 416 25.08 28.03 -12.27
C ALA B 416 24.27 26.76 -12.51
N VAL B 417 22.97 26.84 -12.30
CA VAL B 417 22.12 25.65 -12.51
C VAL B 417 21.09 25.84 -13.63
N GLN B 418 21.40 26.71 -14.59
CA GLN B 418 20.47 26.93 -15.70
C GLN B 418 20.09 25.61 -16.42
N ALA B 419 21.03 24.68 -16.53
CA ALA B 419 20.76 23.44 -17.26
C ALA B 419 19.79 22.55 -16.50
N VAL B 420 19.86 22.61 -15.17
CA VAL B 420 18.92 21.86 -14.34
C VAL B 420 17.52 22.44 -14.50
N ALA B 421 17.40 23.77 -14.53
CA ALA B 421 16.09 24.39 -14.72
C ALA B 421 15.54 24.08 -16.10
N LYS B 422 16.38 24.18 -17.13
CA LYS B 422 15.91 23.85 -18.48
C LYS B 422 15.40 22.39 -18.52
N ALA B 423 16.13 21.49 -17.87
CA ALA B 423 15.73 20.07 -17.78
C ALA B 423 14.36 19.87 -17.11
N SER B 424 14.05 20.66 -16.09
CA SER B 424 12.72 20.59 -15.46
C SER B 424 11.63 20.91 -16.47
N ILE B 425 11.88 21.91 -17.32
CA ILE B 425 10.94 22.26 -18.35
C ILE B 425 10.88 21.14 -19.39
N ASP B 426 12.03 20.70 -19.86
CA ASP B 426 12.03 19.75 -20.97
C ASP B 426 11.41 18.41 -20.52
N GLN B 427 11.66 18.01 -19.29
CA GLN B 427 11.22 16.70 -18.85
C GLN B 427 9.71 16.72 -18.58
N SER B 428 9.19 17.84 -18.06
CA SER B 428 7.74 18.03 -17.98
C SER B 428 7.09 17.82 -19.33
N ARG B 429 7.71 18.36 -20.38
CA ARG B 429 7.15 18.21 -21.74
C ARG B 429 7.26 16.77 -22.22
N GLU B 430 8.41 16.15 -21.98
CA GLU B 430 8.57 14.74 -22.33
C GLU B 430 7.50 13.88 -21.67
N MET B 431 7.20 14.19 -20.43
CA MET B 431 6.19 13.43 -19.65
C MET B 431 4.75 13.87 -20.00
N LYS B 432 4.64 14.76 -20.97
CA LYS B 432 3.34 15.22 -21.51
C LYS B 432 2.39 15.78 -20.42
N TYR B 433 2.95 16.65 -19.57
CA TYR B 433 2.15 17.39 -18.60
C TYR B 433 1.07 18.23 -19.26
N GLN B 434 -0.11 18.22 -18.66
CA GLN B 434 -1.13 19.21 -18.99
C GLN B 434 -0.69 20.59 -18.53
N SER B 435 -1.48 21.60 -18.93
CA SER B 435 -1.11 23.01 -18.78
C SER B 435 -1.27 23.47 -17.33
N LEU B 436 -0.64 24.59 -16.99
CA LEU B 436 -0.87 25.24 -15.70
C LEU B 436 -2.37 25.35 -15.38
N ASN B 437 -3.18 25.88 -16.28
CA ASN B 437 -4.59 26.04 -15.91
C ASN B 437 -5.33 24.70 -15.71
N GLU B 438 -4.95 23.65 -16.41
CA GLU B 438 -5.53 22.34 -16.10
C GLU B 438 -5.19 21.90 -14.68
N TYR B 439 -3.94 22.10 -14.25
CA TYR B 439 -3.57 21.73 -12.88
C TYR B 439 -4.25 22.63 -11.85
N ARG B 440 -4.36 23.93 -12.16
CA ARG B 440 -5.11 24.81 -11.29
C ARG B 440 -6.55 24.29 -11.08
N LYS B 441 -7.24 23.96 -12.16
CA LYS B 441 -8.60 23.45 -12.02
C LYS B 441 -8.57 22.15 -11.23
N ARG B 442 -7.53 21.33 -11.45
CA ARG B 442 -7.48 20.03 -10.80
C ARG B 442 -7.42 20.22 -9.27
N PHE B 443 -6.91 21.37 -8.83
CA PHE B 443 -6.75 21.58 -7.40
C PHE B 443 -7.69 22.68 -6.91
N SER B 444 -8.83 22.80 -7.60
CA SER B 444 -9.94 23.67 -7.21
C SER B 444 -9.55 25.14 -7.24
N LEU B 445 -8.59 25.49 -8.10
CA LEU B 445 -8.23 26.90 -8.28
C LEU B 445 -8.85 27.46 -9.56
N LYS B 446 -9.05 28.78 -9.57
CA LYS B 446 -9.56 29.47 -10.76
C LYS B 446 -8.49 29.50 -11.83
N PRO B 447 -8.81 29.14 -13.08
CA PRO B 447 -7.82 29.35 -14.16
C PRO B 447 -7.39 30.82 -14.25
N TYR B 448 -6.11 31.09 -14.49
CA TYR B 448 -5.67 32.45 -14.83
C TYR B 448 -6.23 32.83 -16.19
N THR B 449 -6.68 34.09 -16.32
CA THR B 449 -7.27 34.54 -17.56
C THR B 449 -6.33 35.44 -18.35
N SER B 450 -5.12 35.67 -17.84
CA SER B 450 -4.10 36.39 -18.60
C SER B 450 -2.72 36.15 -18.00
N PHE B 451 -1.68 36.51 -18.75
CA PHE B 451 -0.32 36.36 -18.25
C PHE B 451 -0.07 37.40 -17.18
N GLU B 452 -0.67 38.57 -17.34
CA GLU B 452 -0.54 39.62 -16.33
C GLU B 452 -1.11 39.18 -14.98
N GLU B 453 -2.27 38.52 -15.02
CA GLU B 453 -2.87 37.98 -13.80
C GLU B 453 -1.95 36.94 -13.15
N LEU B 454 -1.35 36.07 -13.97
CA LEU B 454 -0.39 35.10 -13.43
C LEU B 454 0.80 35.73 -12.68
N THR B 455 1.47 36.68 -13.32
CA THR B 455 2.71 37.28 -12.78
C THR B 455 2.47 38.47 -11.84
N GLY B 456 1.34 39.13 -11.97
CA GLY B 456 1.08 40.33 -11.20
C GLY B 456 1.90 41.53 -11.66
N GLU B 457 2.49 41.45 -12.85
CA GLU B 457 3.27 42.56 -13.36
C GLU B 457 3.11 42.58 -14.87
N LYS B 458 3.87 43.42 -15.57
CA LYS B 458 3.65 43.64 -17.01
C LYS B 458 4.76 43.09 -17.90
N GLU B 459 6.01 43.18 -17.45
CA GLU B 459 7.16 42.90 -18.31
C GLU B 459 7.36 41.40 -18.58
N MET B 460 7.42 40.59 -17.53
CA MET B 460 7.54 39.15 -17.73
C MET B 460 6.27 38.60 -18.38
N ALA B 461 5.14 39.18 -18.04
CA ALA B 461 3.89 38.76 -18.64
C ALA B 461 3.88 38.96 -20.15
N ALA B 462 4.38 40.09 -20.61
CA ALA B 462 4.39 40.33 -22.06
C ALA B 462 5.38 39.40 -22.76
N GLU B 463 6.52 39.08 -22.12
CA GLU B 463 7.44 38.06 -22.65
C GLU B 463 6.76 36.70 -22.84
N LEU B 464 6.06 36.29 -21.80
CA LEU B 464 5.40 34.98 -21.80
C LEU B 464 4.30 34.97 -22.86
N LYS B 465 3.60 36.09 -22.98
CA LYS B 465 2.53 36.22 -23.95
C LYS B 465 3.08 36.00 -25.35
N ALA B 466 4.21 36.65 -25.64
CA ALA B 466 4.87 36.49 -26.92
C ALA B 466 5.34 35.05 -27.12
N LEU B 467 5.74 34.36 -26.05
CA LEU B 467 6.25 33.00 -26.15
C LEU B 467 5.12 31.97 -26.29
N TYR B 468 4.09 32.09 -25.45
CA TYR B 468 3.05 31.06 -25.37
C TYR B 468 1.76 31.36 -26.12
N SER B 469 1.51 32.65 -26.38
CA SER B 469 0.30 33.19 -27.04
C SER B 469 -0.99 33.06 -26.22
N ASP B 470 -1.21 31.91 -25.58
CA ASP B 470 -2.47 31.64 -24.89
C ASP B 470 -2.16 31.21 -23.46
N ILE B 471 -2.75 31.92 -22.50
CA ILE B 471 -2.53 31.63 -21.07
C ILE B 471 -2.92 30.18 -20.76
N ASP B 472 -3.88 29.63 -21.49
CA ASP B 472 -4.30 28.25 -21.27
C ASP B 472 -3.28 27.21 -21.76
N VAL B 473 -2.17 27.65 -22.38
CA VAL B 473 -1.13 26.66 -22.68
C VAL B 473 0.17 26.95 -21.92
N MET B 474 0.11 27.96 -21.04
CA MET B 474 1.22 28.20 -20.13
C MET B 474 1.51 26.89 -19.38
N GLU B 475 2.79 26.62 -19.16
CA GLU B 475 3.22 25.37 -18.52
C GLU B 475 3.35 25.52 -17.02
N LEU B 476 3.18 24.41 -16.31
CA LEU B 476 3.13 24.42 -14.86
C LEU B 476 4.44 24.87 -14.21
N TYR B 477 5.57 24.27 -14.62
CA TYR B 477 6.78 24.49 -13.88
C TYR B 477 7.27 25.96 -14.00
N PRO B 478 7.38 26.47 -15.24
CA PRO B 478 7.81 27.87 -15.28
C PRO B 478 6.80 28.81 -14.63
N ALA B 479 5.51 28.44 -14.61
CA ALA B 479 4.51 29.33 -14.00
C ALA B 479 4.69 29.40 -12.48
N LEU B 480 5.03 28.26 -11.84
CA LEU B 480 5.37 28.27 -10.42
C LEU B 480 6.48 29.24 -10.07
N LEU B 481 7.47 29.37 -10.94
CA LEU B 481 8.63 30.22 -10.64
C LEU B 481 8.42 31.68 -11.02
N VAL B 482 7.40 31.98 -11.83
CA VAL B 482 7.16 33.39 -12.19
C VAL B 482 5.87 33.92 -11.56
N GLU B 483 5.13 33.05 -10.89
CA GLU B 483 3.83 33.41 -10.33
C GLU B 483 3.94 34.58 -9.36
N LYS B 484 2.96 35.48 -9.42
CA LYS B 484 2.81 36.51 -8.40
C LYS B 484 2.87 35.89 -7.00
N PRO B 485 3.88 36.28 -6.19
CA PRO B 485 3.92 35.71 -4.83
C PRO B 485 2.78 36.24 -3.96
N ARG B 486 2.39 35.50 -2.93
CA ARG B 486 1.57 36.07 -1.84
C ARG B 486 2.34 37.25 -1.26
N PRO B 487 1.66 38.15 -0.53
CA PRO B 487 2.36 39.37 -0.06
C PRO B 487 3.58 39.05 0.80
N ASP B 488 4.75 39.53 0.38
CA ASP B 488 5.98 39.25 1.11
C ASP B 488 6.22 37.78 1.36
N ALA B 489 5.78 36.94 0.44
CA ALA B 489 5.91 35.50 0.64
C ALA B 489 6.88 34.85 -0.33
N ILE B 490 7.31 33.62 -0.01
CA ILE B 490 8.26 32.95 -0.88
C ILE B 490 7.58 32.34 -2.13
N PHE B 491 6.27 32.04 -2.03
CA PHE B 491 5.49 31.29 -3.04
C PHE B 491 4.25 32.00 -3.49
N GLY B 492 3.76 31.62 -4.67
CA GLY B 492 2.45 32.01 -5.12
C GLY B 492 1.38 30.97 -4.80
N GLU B 493 0.13 31.34 -5.06
CA GLU B 493 -1.00 30.46 -4.78
C GLU B 493 -0.86 29.04 -5.34
N THR B 494 -0.44 28.93 -6.60
CA THR B 494 -0.42 27.59 -7.19
C THR B 494 0.56 26.64 -6.47
N MET B 495 1.75 27.12 -6.14
CA MET B 495 2.73 26.29 -5.44
C MET B 495 2.16 25.74 -4.14
N VAL B 496 1.49 26.59 -3.37
CA VAL B 496 1.00 26.19 -2.06
C VAL B 496 -0.17 25.24 -2.17
N GLU B 497 -1.12 25.60 -3.04
CA GLU B 497 -2.35 24.86 -3.18
C GLU B 497 -2.12 23.46 -3.78
N LEU B 498 -1.02 23.27 -4.52
CA LEU B 498 -0.66 21.92 -4.97
C LEU B 498 0.26 21.24 -3.95
N GLY B 499 1.23 21.99 -3.46
CA GLY B 499 2.26 21.38 -2.60
C GLY B 499 1.74 20.91 -1.26
N ALA B 500 0.81 21.65 -0.65
CA ALA B 500 0.32 21.28 0.67
C ALA B 500 -0.42 19.93 0.69
N PRO B 501 -1.38 19.69 -0.23
CA PRO B 501 -2.02 18.35 -0.16
C PRO B 501 -1.03 17.24 -0.37
N PHE B 502 -0.13 17.41 -1.34
CA PHE B 502 0.86 16.36 -1.58
C PHE B 502 1.71 16.10 -0.32
N THR B 503 2.11 17.19 0.32
CA THR B 503 2.97 17.12 1.49
C THR B 503 2.22 16.45 2.67
N LEU B 504 1.03 16.92 2.97
CA LEU B 504 0.38 16.43 4.20
C LEU B 504 -0.02 14.97 4.02
N LYS B 505 -0.33 14.61 2.79
CA LYS B 505 -0.61 13.22 2.47
C LYS B 505 0.65 12.35 2.60
N GLY B 506 1.79 12.85 2.12
CA GLY B 506 3.04 12.11 2.22
C GLY B 506 3.49 11.93 3.66
N LEU B 507 3.12 12.87 4.53
CA LEU B 507 3.50 12.80 5.94
C LEU B 507 2.51 11.92 6.75
N MET B 508 1.23 12.27 6.67
CA MET B 508 0.24 11.56 7.49
C MET B 508 -0.04 10.14 6.92
N GLY B 509 0.24 9.92 5.65
CA GLY B 509 -0.02 8.62 5.02
C GLY B 509 0.93 7.51 5.54
N ASN B 510 1.92 7.88 6.32
CA ASN B 510 2.91 6.91 6.78
C ASN B 510 2.28 5.87 7.77
N PRO B 511 2.66 4.57 7.68
CA PRO B 511 2.06 3.65 8.66
C PRO B 511 2.31 4.05 10.11
N ILE B 512 3.38 4.79 10.45
CA ILE B 512 3.55 5.04 11.87
C ILE B 512 2.44 5.96 12.40
N CYS B 513 1.73 6.65 11.50
CA CYS B 513 0.63 7.52 11.91
C CYS B 513 -0.69 6.74 12.10
N SER B 514 -0.74 5.51 11.63
CA SER B 514 -1.95 4.69 11.77
C SER B 514 -2.18 4.27 13.24
N PRO B 515 -3.44 4.00 13.62
CA PRO B 515 -3.69 3.71 15.04
C PRO B 515 -2.98 2.46 15.57
N GLN B 516 -2.75 1.41 14.77
CA GLN B 516 -2.05 0.28 15.41
C GLN B 516 -0.55 0.58 15.61
N TYR B 517 0.00 1.58 14.92
CA TYR B 517 1.39 1.96 15.15
C TYR B 517 1.57 3.08 16.15
N TRP B 518 0.60 3.99 16.22
CA TRP B 518 0.84 5.23 16.99
C TRP B 518 0.58 4.96 18.49
N LYS B 519 1.54 4.26 19.11
CA LYS B 519 1.45 3.79 20.50
C LYS B 519 2.84 3.81 21.06
N PRO B 520 2.98 4.02 22.36
CA PRO B 520 4.35 4.13 22.88
C PRO B 520 5.16 2.85 22.68
N SER B 521 4.52 1.68 22.73
CA SER B 521 5.25 0.40 22.59
C SER B 521 5.93 0.25 21.22
N THR B 522 5.35 0.84 20.17
CA THR B 522 6.01 0.88 18.85
C THR B 522 7.43 1.50 18.90
N PHE B 523 7.62 2.45 19.80
CA PHE B 523 8.85 3.22 19.84
C PHE B 523 9.67 2.90 21.09
N GLY B 524 9.44 1.71 21.62
CA GLY B 524 10.17 1.21 22.79
C GLY B 524 9.74 1.77 24.13
N GLY B 525 8.56 2.38 24.17
CA GLY B 525 8.04 2.89 25.44
C GLY B 525 7.91 4.41 25.47
N GLU B 526 7.55 4.96 26.63
CA GLU B 526 7.18 6.37 26.69
C GLU B 526 8.36 7.28 26.41
N VAL B 527 9.57 6.86 26.75
CA VAL B 527 10.77 7.66 26.48
C VAL B 527 11.03 7.77 24.97
N GLY B 528 10.95 6.66 24.26
CA GLY B 528 11.13 6.67 22.80
C GLY B 528 10.06 7.49 22.10
N PHE B 529 8.82 7.35 22.61
CA PHE B 529 7.68 8.04 22.04
C PHE B 529 7.83 9.55 22.22
N LYS B 530 8.36 9.95 23.38
CA LYS B 530 8.50 11.37 23.70
C LYS B 530 9.59 12.05 22.83
N ILE B 531 10.58 11.27 22.39
CA ILE B 531 11.60 11.78 21.45
C ILE B 531 10.91 12.29 20.19
N ILE B 532 9.96 11.50 19.68
CA ILE B 532 9.19 11.96 18.51
C ILE B 532 8.38 13.19 18.82
N ASN B 533 7.63 13.15 19.93
CA ASN B 533 6.66 14.21 20.18
C ASN B 533 7.26 15.52 20.70
N THR B 534 8.58 15.53 20.91
CA THR B 534 9.26 16.76 21.32
C THR B 534 10.36 17.15 20.32
N ALA B 535 10.45 16.45 19.21
CA ALA B 535 11.52 16.71 18.23
C ALA B 535 11.33 18.09 17.60
N SER B 536 12.44 18.71 17.25
CA SER B 536 12.41 19.98 16.49
C SER B 536 13.71 20.16 15.76
N ILE B 537 13.76 21.10 14.81
CA ILE B 537 15.03 21.30 14.09
C ILE B 537 16.08 21.77 15.11
N GLN B 538 15.67 22.59 16.07
CA GLN B 538 16.64 23.08 17.07
C GLN B 538 17.19 21.93 17.93
N SER B 539 16.30 21.02 18.35
CA SER B 539 16.75 19.96 19.24
C SER B 539 17.62 18.96 18.48
N LEU B 540 17.30 18.73 17.21
CA LEU B 540 18.09 17.85 16.35
C LEU B 540 19.52 18.40 16.28
N ILE B 541 19.64 19.70 16.14
CA ILE B 541 20.96 20.32 16.06
C ILE B 541 21.60 20.35 17.45
N CYS B 542 20.81 20.66 18.48
CA CYS B 542 21.38 20.84 19.80
C CYS B 542 22.01 19.52 20.29
N ASN B 543 21.31 18.42 20.04
CA ASN B 543 21.77 17.11 20.50
C ASN B 543 22.95 16.54 19.74
N ASN B 544 23.21 17.04 18.54
CA ASN B 544 24.14 16.35 17.64
C ASN B 544 25.25 17.21 17.08
N VAL B 545 25.25 18.49 17.44
CA VAL B 545 26.25 19.39 16.92
C VAL B 545 26.94 20.06 18.09
N LYS B 546 28.27 19.95 18.12
CA LYS B 546 29.07 20.47 19.23
C LYS B 546 28.72 21.93 19.53
N GLY B 547 28.51 22.23 20.81
CA GLY B 547 28.24 23.60 21.22
C GLY B 547 26.74 23.92 21.26
N CYS B 548 25.92 23.06 20.66
CA CYS B 548 24.48 23.34 20.53
C CYS B 548 24.23 24.76 19.96
N PRO B 549 24.67 25.02 18.72
CA PRO B 549 24.39 26.36 18.18
C PRO B 549 22.88 26.59 18.07
N PHE B 550 22.43 27.84 18.16
CA PHE B 550 21.04 28.13 17.85
C PHE B 550 20.76 27.87 16.38
N THR B 551 19.57 27.42 16.06
CA THR B 551 19.21 27.34 14.65
C THR B 551 17.72 27.43 14.46
N SER B 552 17.32 27.68 13.21
CA SER B 552 15.92 27.68 12.80
C SER B 552 15.91 27.78 11.29
N PHE B 553 14.73 27.81 10.69
CA PHE B 553 14.66 27.91 9.23
C PHE B 553 14.60 29.33 8.70
N ASN B 554 14.63 30.32 9.58
CA ASN B 554 14.67 31.70 9.12
C ASN B 554 15.91 32.44 9.62
N VAL B 555 16.34 33.45 8.87
CA VAL B 555 17.60 34.14 9.21
C VAL B 555 17.47 35.00 10.49
C1 NAG C . -0.74 -10.26 34.97
C2 NAG C . -1.38 -10.38 36.37
C3 NAG C . -0.57 -11.31 37.27
C4 NAG C . -0.36 -12.66 36.59
C5 NAG C . 0.33 -12.44 35.25
C6 NAG C . 0.55 -13.70 34.46
C7 NAG C . -2.73 -8.62 37.36
C8 NAG C . -2.75 -7.28 38.02
N2 NAG C . -1.54 -9.08 37.01
O3 NAG C . -1.25 -11.48 38.50
O4 NAG C . 0.44 -13.47 37.44
O5 NAG C . -0.48 -11.58 34.43
O6 NAG C . 1.53 -13.49 33.46
O7 NAG C . -3.76 -9.25 37.17
C1 NAG C . -0.23 -14.73 37.70
C2 NAG C . 0.78 -15.69 38.37
C3 NAG C . 0.12 -17.03 38.70
C4 NAG C . -1.19 -16.83 39.46
C5 NAG C . -2.10 -15.86 38.71
C6 NAG C . -3.40 -15.59 39.42
C7 NAG C . 2.99 -15.07 37.48
C8 NAG C . 4.09 -15.46 36.52
N2 NAG C . 1.93 -15.90 37.51
O3 NAG C . 1.01 -17.80 39.50
O4 NAG C . -1.86 -18.09 39.58
O5 NAG C . -1.41 -14.61 38.54
O6 NAG C . -3.38 -14.40 40.19
O7 NAG C . 3.06 -14.07 38.18
C1 NAG D . 12.98 -8.96 2.48
C2 NAG D . 14.10 -8.43 1.61
C3 NAG D . 15.00 -9.57 1.15
C4 NAG D . 15.47 -10.42 2.32
C5 NAG D . 14.26 -10.89 3.12
C6 NAG D . 14.65 -11.62 4.37
C7 NAG D . 13.79 -6.46 0.24
C8 NAG D . 13.16 -5.87 -1.00
N2 NAG D . 13.54 -7.74 0.48
O3 NAG D . 16.13 -8.99 0.48
O4 NAG D . 16.15 -11.58 1.82
O5 NAG D . 13.52 -9.74 3.53
O6 NAG D . 15.58 -10.85 5.09
O7 NAG D . 14.52 -5.82 0.96
C1 NAG D . 17.50 -11.63 2.29
C2 NAG D . 18.00 -13.03 1.95
C3 NAG D . 19.49 -13.19 2.30
C4 NAG D . 20.34 -12.01 1.84
C5 NAG D . 19.66 -10.69 2.21
C6 NAG D . 20.38 -9.48 1.69
C7 NAG D . 16.18 -14.67 2.11
C8 NAG D . 15.46 -15.61 3.01
N2 NAG D . 17.21 -14.01 2.67
O3 NAG D . 19.98 -14.38 1.69
O4 NAG D . 21.57 -12.08 2.55
O5 NAG D . 18.33 -10.68 1.67
O6 NAG D . 20.08 -9.22 0.32
O7 NAG D . 15.83 -14.48 0.94
C1 MAN D . 22.79 -12.00 1.76
C2 MAN D . 22.88 -13.21 0.84
C3 MAN D . 23.98 -14.09 1.30
C4 MAN D . 25.27 -13.29 1.16
C5 MAN D . 25.29 -12.26 2.29
C6 MAN D . 26.14 -11.01 2.00
O2 MAN D . 23.30 -12.82 -0.47
O3 MAN D . 24.06 -15.29 0.55
O4 MAN D . 26.39 -14.15 1.28
O5 MAN D . 23.92 -11.86 2.68
O6 MAN D . 26.80 -10.64 3.22
C1 NAG E . 7.33 -1.41 -14.02
C2 NAG E . 7.92 -2.81 -14.10
C3 NAG E . 9.26 -2.79 -14.82
C4 NAG E . 9.11 -2.11 -16.18
C5 NAG E . 8.50 -0.73 -16.00
C6 NAG E . 8.21 -0.04 -17.32
C7 NAG E . 7.43 -4.49 -12.43
C8 NAG E . 7.64 -4.97 -11.02
N2 NAG E . 8.07 -3.39 -12.77
O3 NAG E . 9.61 -4.15 -15.03
O4 NAG E . 10.40 -1.97 -16.78
O5 NAG E . 7.25 -0.86 -15.33
O6 NAG E . 7.41 -0.88 -18.14
O7 NAG E . 6.74 -5.09 -13.23
C1 NAG E . 10.50 -2.79 -17.97
C2 NAG E . 11.71 -2.21 -18.74
C3 NAG E . 12.12 -3.07 -19.93
C4 NAG E . 12.12 -4.55 -19.63
C5 NAG E . 10.83 -4.95 -18.93
C6 NAG E . 10.81 -6.42 -18.53
C7 NAG E . 11.82 0.23 -18.54
C8 NAG E . 11.38 1.55 -19.09
N2 NAG E . 11.39 -0.86 -19.18
O3 NAG E . 13.45 -2.67 -20.28
O4 NAG E . 12.27 -5.31 -20.83
O5 NAG E . 10.71 -4.18 -17.73
O6 NAG E . 9.76 -6.71 -17.63
O7 NAG E . 12.52 0.15 -17.53
CO COH F . -3.18 -27.89 -1.72
CHA COH F . -0.29 -26.04 -0.94
CHB COH F . -1.10 -30.49 -2.76
CHC COH F . -5.81 -29.36 -3.26
CHD COH F . -5.14 -25.36 -0.46
NA COH F . -1.07 -28.21 -1.84
C1A COH F . -0.09 -27.31 -1.46
C2A COH F . 1.20 -27.93 -1.70
C3A COH F . 0.98 -29.16 -2.21
C4A COH F . -0.46 -29.36 -2.30
CMA COH F . 2.07 -30.17 -2.62
CAA COH F . 2.57 -27.28 -1.44
CBA COH F . 3.11 -27.83 -0.11
CGA COH F . 3.73 -26.71 0.69
O1A COH F . 4.46 -27.00 1.67
O2A COH F . 3.48 -25.51 0.33
NB COH F . -3.43 -29.70 -2.78
C1B COH F . -2.40 -30.52 -3.22
C2B COH F . -2.95 -31.40 -4.24
C3B COH F . -4.25 -31.09 -4.40
C4B COH F . -4.59 -30.00 -3.47
CMB COH F . -2.21 -32.49 -5.01
CAB COH F . -5.14 -31.85 -5.42
CBB COH F . -6.34 -31.41 -5.81
NC COH F . -5.15 -27.40 -1.84
C1C COH F . -6.07 -28.22 -2.50
C2C COH F . -7.37 -27.64 -2.22
C3C COH F . -7.22 -26.54 -1.47
C4C COH F . -5.79 -26.36 -1.19
CMC COH F . -8.71 -28.20 -2.76
CAC COH F . -8.41 -25.68 -1.01
CBC COH F . -8.24 -24.45 -0.52
ND COH F . -2.76 -25.95 -0.81
C1D COH F . -3.77 -25.10 -0.37
C2D COH F . -3.12 -23.92 0.21
C3D COH F . -1.60 -24.12 0.04
C4D COH F . -1.48 -25.43 -0.60
CMD COH F . -3.80 -22.69 0.83
CAD COH F . -0.42 -23.20 0.49
CBD COH F . 0.00 -22.09 -0.49
CGD COH F . 1.47 -21.68 -0.47
O1D COH F . 2.07 -21.06 0.52
O2D COH F . 2.07 -21.96 -1.54
CA AKR G . 8.57 -17.14 -15.43
CB AKR G . 7.90 -16.35 -14.59
C AKR G . 8.54 -16.85 -16.90
O AKR G . 8.56 -15.66 -17.29
OXT AKR G . 8.53 -17.80 -17.72
C8 60A H . -18.54 -16.62 6.29
C7 60A H . -17.74 -17.66 5.57
C1 60A H . -14.20 -17.96 5.05
O5 60A H . -16.43 -17.19 5.36
C6 60A H . -13.69 -18.15 2.71
O4 60A H . -14.56 -17.71 3.71
C3 60A H . -15.56 -18.25 5.62
C2 60A H . -13.24 -19.10 5.36
O9 60A H . -12.68 -17.26 2.55
O10 60A H . -18.09 -15.35 5.88
C1 BOG I . -5.62 -44.64 15.86
O1 BOG I . -4.62 -43.90 15.27
C2 BOG I . -6.42 -43.74 16.77
O2 BOG I . -5.53 -43.29 17.83
C3 BOG I . -7.58 -44.47 17.32
O3 BOG I . -8.38 -43.55 18.13
C4 BOG I . -8.43 -45.05 16.24
O4 BOG I . -9.44 -45.86 16.80
C5 BOG I . -7.63 -45.90 15.27
O5 BOG I . -6.48 -45.15 14.76
C6 BOG I . -8.45 -46.31 14.11
O6 BOG I . -9.13 -45.19 13.53
C1' BOG I . -3.34 -44.56 15.13
C2' BOG I . -3.39 -45.42 13.85
C3' BOG I . -2.35 -44.91 12.90
C4' BOG I . -2.79 -45.33 11.46
C5' BOG I . -4.16 -44.68 11.14
C6' BOG I . -4.44 -44.77 9.63
C7' BOG I . -5.74 -44.02 9.31
C8' BOG I . -5.90 -43.90 7.76
C1 NAG J . -3.90 -39.69 -17.71
C2 NAG J . -3.48 -41.11 -17.24
C3 NAG J . -3.91 -42.18 -18.26
C4 NAG J . -5.38 -42.04 -18.60
C5 NAG J . -5.59 -40.64 -19.16
C6 NAG J . -7.02 -40.39 -19.59
C7 NAG J . -1.47 -41.65 -15.94
C8 NAG J . 0.03 -41.63 -15.92
N2 NAG J . -2.04 -41.17 -17.04
O3 NAG J . -3.66 -43.47 -17.73
O4 NAG J . -5.79 -43.03 -19.54
O5 NAG J . -5.29 -39.71 -18.11
O6 NAG J . -7.13 -39.17 -20.32
O7 NAG J . -2.13 -42.08 -14.99
CO COH K . 18.35 20.14 -7.11
CHA COH K . 17.20 17.54 -9.27
CHB COH K . 21.25 20.25 -9.04
CHC COH K . 19.79 22.14 -4.82
CHD COH K . 15.37 20.09 -5.49
NA COH K . 19.08 19.11 -8.88
C1A COH K . 18.48 18.04 -9.53
C2A COH K . 19.41 17.52 -10.51
C3A COH K . 20.52 18.27 -10.45
C4A COH K . 20.34 19.28 -9.42
CMA COH K . 21.80 18.10 -11.30
CAA COH K . 19.13 16.32 -11.45
CBA COH K . 18.08 16.72 -12.49
CGA COH K . 16.92 15.73 -12.56
O1A COH K . 16.26 15.70 -13.62
O2A COH K . 16.67 14.98 -11.58
NB COH K . 20.22 21.10 -6.99
C1B COH K . 21.30 20.89 -7.83
C2B COH K . 22.46 21.50 -7.19
C3B COH K . 22.09 22.00 -6.02
C4B COH K . 20.64 21.78 -5.86
CMB COH K . 23.90 21.52 -7.75
CAB COH K . 23.08 22.72 -5.07
CBB COH K . 22.85 22.89 -3.77
NC COH K . 17.68 20.93 -5.40
C1C COH K . 18.44 21.85 -4.66
C2C COH K . 17.52 22.42 -3.69
C3C COH K . 16.31 21.87 -3.85
C4C COH K . 16.38 20.91 -4.96
CMC COH K . 17.88 23.49 -2.64
CAC COH K . 15.12 22.28 -2.95
CBC COH K . 14.05 21.52 -2.78
ND COH K . 16.52 18.97 -7.39
C1D COH K . 15.46 19.11 -6.49
C2D COH K . 14.50 18.06 -6.80
C3D COH K . 15.07 17.24 -7.99
C4D COH K . 16.33 17.91 -8.28
CMD COH K . 13.17 17.82 -6.06
CAD COH K . 14.47 15.99 -8.75
CBD COH K . 14.81 14.66 -8.06
CGD COH K . 14.80 13.33 -8.84
O1D COH K . 13.86 12.89 -9.66
O2D COH K . 15.83 12.62 -8.56
CA AKR L . 23.56 -0.01 -2.75
CB AKR L . 22.78 -0.34 -3.81
C AKR L . 24.83 -0.76 -2.43
O AKR L . 25.94 -0.20 -2.55
OXT AKR L . 24.78 -1.94 -2.02
C8 60A M . 1.39 24.53 3.66
C7 60A M . 2.68 25.03 3.03
C1 60A M . 4.17 23.23 0.23
O5 60A M . 3.24 23.96 2.27
C6 60A M . 5.91 21.64 0.60
O4 60A M . 4.96 22.52 1.19
C3 60A M . 3.65 24.43 0.98
C2 60A M . 4.94 23.64 -1.01
O9 60A M . 6.23 20.65 1.57
O10 60A M . 0.52 25.65 3.90
C1 NAG N . -18.90 20.31 -23.64
C2 NAG N . -19.96 21.28 -24.20
C3 NAG N . -19.76 21.48 -25.71
C4 NAG N . -18.31 21.81 -26.05
C5 NAG N . -17.40 20.76 -25.43
C6 NAG N . -15.93 21.00 -25.66
C7 NAG N . -22.12 21.38 -23.07
C8 NAG N . -23.48 20.72 -22.91
N2 NAG N . -21.29 20.78 -23.92
O3 NAG N . -20.61 22.54 -26.14
O4 NAG N . -18.11 21.85 -27.45
O5 NAG N . -17.60 20.74 -24.02
O6 NAG N . -15.29 19.80 -26.09
O7 NAG N . -21.82 22.39 -22.46
C1 NAG O . 37.44 22.46 -1.87
C2 NAG O . 38.10 23.31 -2.97
C3 NAG O . 39.41 23.89 -2.47
C4 NAG O . 39.19 24.66 -1.17
C5 NAG O . 38.58 23.70 -0.16
C6 NAG O . 38.30 24.33 1.18
C7 NAG O . 37.94 22.95 -5.39
C8 NAG O . 38.20 22.00 -6.53
N2 NAG O . 38.30 22.52 -4.18
O3 NAG O . 39.95 24.76 -3.45
O4 NAG O . 40.39 25.19 -0.65
O5 NAG O . 37.33 23.23 -0.66
O6 NAG O . 38.02 23.34 2.16
O7 NAG O . 37.45 24.06 -5.57
#